data_8THK
#
_entry.id   8THK
#
_cell.length_a   1.00
_cell.length_b   1.00
_cell.length_c   1.00
_cell.angle_alpha   90.00
_cell.angle_beta   90.00
_cell.angle_gamma   90.00
#
_symmetry.space_group_name_H-M   'P 1'
#
loop_
_entity.id
_entity.type
_entity.pdbx_description
1 polymer 'Guanine nucleotide-binding protein G(i) subunit alpha-2,Guanine nucleotide-binding protein G(s) subunit alpha isoforms short,Guanine nucleotide-binding protein G(q) subunit alpha'
2 polymer 'Guanine nucleotide-binding protein G(I)/G(S)/G(T) subunit beta-1'
3 polymer 'Guanine nucleotide-binding protein G(I)/G(S)/G(O) subunit gamma-2'
4 polymer 'Single fab chain (scFv16)'
5 polymer 'Endolysin,Alpha-1A adrenergic receptor'
6 non-polymer N-[(5S)-5-(4,5-dihydro-1H-imidazol-2-yl)-2-hydroxy-5,6,7,8-tetrahydronaphthalen-1-yl]methanesulfonamide
#
loop_
_entity_poly.entity_id
_entity_poly.type
_entity_poly.pdbx_seq_one_letter_code
_entity_poly.pdbx_strand_id
1 'polypeptide(L)'
;MGSTVSAEDKAAAERSKMIDKNLREDGEKARRTLRLLLLGADNSGKSTIVKQMRILHGGSGGSGGTSGIFETKFQVDKVN
FHMFDVGGQRDERRKWIQCFNDVTAIIFVVDSSDYNRLQEALNDFKSIWNNRWLRTISVILFLNKQDLLAEKVLAGKSKI
EDYFPEFARYTTPEDATPEPGEDPRVTRAKYFIRKEFVDISTASGDGRHICYPHFTCAVDTENARRIFNDCKDIILQMNL
REYNLV
;
A
2 'polypeptide(L)'
;MHHHHHHLEVLFQGPGSSGSELDQLRQEAEQLKNQIRDARKACADATLSQITNNIDPVGRIQMRTRRTLRGHLAKIYAMH
WGTDSRLLVSASQDGKLIIWDSYTTNKVHAIPLRSSWVMTCAYAPSGNYVACGGLDNICSIYNLKTREGNVRVSRELAGH
TGYLSCCRFLDDNQIVTSSGDTTCALWDIETGQQTTTFTGHTGDVMSLSLAPDTRLFVSGACDASAKLWDVREGMCRQTF
TGHESDINAICFFPNGNAFATGSDDATCRLFDLRADQELMTYSHDNIICGITSVSFSKSGRLLLAGYDDFNCNVWDALKA
DRAGVLAGHDNRVSCLGVTDDGMAVATGSWDSFLKIWN
;
B
3 'polypeptide(L)' MASNNTASIAQARKLVEQLKMEANIDRIKVSKAAADLMAYCEAHAKEDPLLTPVPASENPFREKKFFCAIL G
4 'polypeptide(L)'
;DVQLVESGGGLVQPGGSRKLSCSASGFAFSSFGMHWVRQAPEKGLEWVAYISSGSGTIYYADTVKGRFTISRDDPKNTLF
LQMTSLRSEDTAMYYCVRSIYYYGSSPFDFWGQGTTLTVSSGGGGSGGGGSGGGGSDIVMTQATSSVPVTPGESVSISCR
SSKSLLHSNGNTYLYWFLQRPGQSPQLLIYRMSNLASGVPDRFSGSGSGTAFTLTISRLEAEDVGVYYCMQHLEYPLTFG
AGTKLELKAAALEVLFQGPHHHHHHHH
;
F
5 'polypeptide(L)'
;MKTIIALSYIFCLVFADYKDDDDKNIFEMLRIDEGLRLKIYKDTEGYYTIGIGHLLTKSPSLNAAKSELDKAIGRNTNGV
ITKDEAEKLFNQDVDAAVRGILRNAKLKPVYDSLDAVRRAALINMVFQMGETGVAGFTNSLRMLQQKRWDEAAVNLAKSR
WYNQTPNRAKRVITTFRTGTWDAYAAATQPPAPVNISKAILLGVILGGLILFGVLGNILVILSVACHRHLHSVTHYYIVN
LAVADLLLTSTVLPFSAIFEVLGYWAFGRVFCNIWAAVDVLCCTASIMGLCIISIDRYIGVSYPLRYPTIVTQRRGLMAL
LCVWALSLVISIGPLFGWRQPAPEDETICQINEEPGYVLFSALGSFYLPLAIILVMYCRVYVVAKRESRGLKSGLKTDKS
HFSVRLLKFSREKKAAKTLGIVVGCFVLCWLPFFLVMPIGSFFPDFKPSETVFKIVFWLGYLNSCINPIIYPCSSQEFKK
AFQNVLRIQCLCRKQASLEVLFQ
;
R
#
loop_
_chem_comp.id
_chem_comp.type
_chem_comp.name
_chem_comp.formula
CGZ non-polymer N-[(5S)-5-(4,5-dihydro-1H-imidazol-2-yl)-2-hydroxy-5,6,7,8-tetrahydronaphthalen-1-yl]methanesulfonamide 'C14 H19 N3 O3 S'
#
# COMPACT_ATOMS: atom_id res chain seq x y z
N VAL A 5 15.11 6.69 17.99
CA VAL A 5 15.97 6.89 19.14
C VAL A 5 17.14 7.79 18.74
N SER A 6 17.45 7.79 17.44
CA SER A 6 18.54 8.57 16.89
C SER A 6 17.98 9.73 16.07
N ALA A 7 18.76 10.80 15.98
CA ALA A 7 18.31 12.00 15.30
C ALA A 7 17.98 11.72 13.84
N GLU A 8 18.85 10.97 13.16
CA GLU A 8 18.60 10.62 11.77
C GLU A 8 17.39 9.70 11.65
N ASP A 9 17.21 8.78 12.61
CA ASP A 9 16.01 7.95 12.61
C ASP A 9 14.75 8.79 12.82
N LYS A 10 14.81 9.79 13.71
CA LYS A 10 13.66 10.66 13.91
C LYS A 10 13.32 11.43 12.64
N ALA A 11 14.34 11.95 11.96
CA ALA A 11 14.09 12.68 10.72
C ALA A 11 13.53 11.77 9.63
N ALA A 12 14.03 10.53 9.56
CA ALA A 12 13.48 9.57 8.61
C ALA A 12 12.02 9.25 8.92
N ALA A 13 11.69 9.12 10.20
CA ALA A 13 10.31 8.88 10.59
C ALA A 13 9.42 10.07 10.22
N GLU A 14 9.93 11.28 10.40
CA GLU A 14 9.16 12.47 10.01
C GLU A 14 8.93 12.49 8.50
N ARG A 15 9.96 12.13 7.72
CA ARG A 15 9.78 12.02 6.28
C ARG A 15 8.73 10.98 5.93
N SER A 16 8.74 9.85 6.64
CA SER A 16 7.74 8.80 6.41
C SER A 16 6.34 9.31 6.71
N LYS A 17 6.19 10.10 7.77
CA LYS A 17 4.88 10.66 8.10
C LYS A 17 4.42 11.64 7.04
N MET A 18 5.33 12.45 6.51
CA MET A 18 4.98 13.35 5.41
C MET A 18 4.53 12.57 4.19
N ILE A 19 5.22 11.46 3.89
CA ILE A 19 4.82 10.60 2.77
C ILE A 19 3.44 10.02 3.02
N ASP A 20 3.16 9.60 4.26
CA ASP A 20 1.84 9.09 4.61
C ASP A 20 0.76 10.14 4.37
N LYS A 21 1.03 11.38 4.77
CA LYS A 21 0.06 12.45 4.56
C LYS A 21 -0.20 12.66 3.07
N ASN A 22 0.87 12.69 2.26
CA ASN A 22 0.68 12.86 0.83
C ASN A 22 -0.12 11.71 0.22
N LEU A 23 0.17 10.48 0.65
CA LEU A 23 -0.56 9.33 0.12
C LEU A 23 -2.04 9.40 0.47
N ARG A 24 -2.37 9.80 1.71
CA ARG A 24 -3.78 9.90 2.07
C ARG A 24 -4.46 11.03 1.31
N GLU A 25 -3.76 12.14 1.07
CA GLU A 25 -4.33 13.22 0.28
C GLU A 25 -4.65 12.75 -1.14
N ASP A 26 -3.71 12.04 -1.77
CA ASP A 26 -3.94 11.55 -3.13
C ASP A 26 -5.06 10.53 -3.16
N GLY A 27 -5.13 9.65 -2.17
CA GLY A 27 -6.21 8.69 -2.12
C GLY A 27 -7.57 9.34 -1.96
N GLU A 28 -7.66 10.35 -1.10
CA GLU A 28 -8.91 11.07 -0.94
C GLU A 28 -9.30 11.79 -2.24
N LYS A 29 -8.30 12.35 -2.94
CA LYS A 29 -8.58 12.97 -4.23
C LYS A 29 -9.08 11.95 -5.24
N ALA A 30 -8.52 10.74 -5.23
CA ALA A 30 -8.87 9.71 -6.20
C ALA A 30 -10.17 9.00 -5.88
N ARG A 31 -10.66 9.06 -4.64
CA ARG A 31 -11.92 8.40 -4.31
C ARG A 31 -13.14 9.10 -4.90
N ARG A 32 -12.98 10.31 -5.43
CA ARG A 32 -14.11 11.07 -5.95
C ARG A 32 -14.34 10.84 -7.44
N THR A 33 -13.77 9.78 -8.01
CA THR A 33 -13.92 9.48 -9.42
C THR A 33 -14.46 8.06 -9.58
N LEU A 34 -15.40 7.89 -10.51
CA LEU A 34 -15.97 6.59 -10.83
C LEU A 34 -15.34 6.06 -12.11
N ARG A 35 -14.89 4.81 -12.08
CA ARG A 35 -14.17 4.20 -13.18
C ARG A 35 -15.04 3.17 -13.87
N LEU A 36 -15.14 3.28 -15.19
CA LEU A 36 -15.91 2.35 -16.02
C LEU A 36 -14.96 1.54 -16.90
N LEU A 37 -15.28 0.27 -17.08
CA LEU A 37 -14.53 -0.60 -17.99
C LEU A 37 -15.32 -0.76 -19.28
N LEU A 38 -14.80 -0.21 -20.37
CA LEU A 38 -15.48 -0.24 -21.65
C LEU A 38 -15.07 -1.50 -22.42
N LEU A 39 -16.03 -2.38 -22.67
CA LEU A 39 -15.78 -3.62 -23.39
C LEU A 39 -16.60 -3.66 -24.67
N GLY A 40 -16.60 -4.82 -25.31
CA GLY A 40 -17.28 -4.97 -26.58
C GLY A 40 -16.42 -5.68 -27.61
N ALA A 41 -16.50 -5.23 -28.86
CA ALA A 41 -15.73 -5.83 -29.94
C ALA A 41 -15.62 -4.83 -31.08
N ASP A 42 -14.76 -5.14 -32.03
CA ASP A 42 -14.64 -4.31 -33.22
C ASP A 42 -15.92 -4.35 -34.05
N ASN A 43 -16.23 -3.22 -34.69
CA ASN A 43 -17.41 -2.84 -35.48
C ASN A 43 -18.61 -2.59 -34.58
N SER A 44 -18.50 -2.79 -33.26
CA SER A 44 -19.59 -2.49 -32.35
C SER A 44 -19.73 -1.00 -32.06
N GLY A 45 -18.75 -0.18 -32.47
CA GLY A 45 -18.83 1.25 -32.24
C GLY A 45 -18.62 1.67 -30.81
N LYS A 46 -17.85 0.89 -30.03
CA LYS A 46 -17.62 1.24 -28.63
C LYS A 46 -16.85 2.55 -28.47
N SER A 47 -16.06 2.94 -29.47
CA SER A 47 -15.22 4.13 -29.33
C SER A 47 -16.03 5.41 -29.30
N THR A 48 -17.16 5.46 -30.02
CA THR A 48 -17.97 6.66 -30.13
C THR A 48 -19.25 6.56 -29.30
N ILE A 49 -19.26 5.71 -28.27
CA ILE A 49 -20.49 5.55 -27.47
C ILE A 49 -20.74 6.78 -26.62
N VAL A 50 -19.69 7.53 -26.26
CA VAL A 50 -19.81 8.74 -25.47
C VAL A 50 -19.05 9.86 -26.18
N LYS A 51 -19.70 11.00 -26.38
CA LYS A 51 -19.07 12.13 -27.04
C LYS A 51 -18.31 12.99 -26.04
N GLY A 68 -1.09 0.32 -25.71
CA GLY A 68 -1.30 -0.06 -24.33
C GLY A 68 -2.76 -0.09 -23.92
N ILE A 69 -3.15 0.88 -23.09
CA ILE A 69 -4.52 1.00 -22.61
C ILE A 69 -5.00 2.42 -22.85
N PHE A 70 -6.22 2.55 -23.37
CA PHE A 70 -6.81 3.84 -23.70
C PHE A 70 -7.70 4.32 -22.56
N GLU A 71 -7.66 5.61 -22.27
CA GLU A 71 -8.42 6.20 -21.18
C GLU A 71 -9.17 7.43 -21.66
N THR A 72 -10.32 7.68 -21.05
CA THR A 72 -11.13 8.85 -21.35
C THR A 72 -11.79 9.33 -20.05
N LYS A 73 -11.94 10.64 -19.91
CA LYS A 73 -12.57 11.22 -18.74
C LYS A 73 -13.66 12.17 -19.18
N PHE A 74 -14.87 11.99 -18.67
CA PHE A 74 -15.97 12.89 -18.96
C PHE A 74 -16.73 13.26 -17.69
N GLN A 75 -17.21 14.50 -17.65
CA GLN A 75 -17.82 15.06 -16.46
C GLN A 75 -19.29 15.37 -16.72
N VAL A 76 -20.14 15.04 -15.74
CA VAL A 76 -21.57 15.33 -15.81
C VAL A 76 -22.08 15.55 -14.39
N ASP A 77 -22.79 16.66 -14.20
CA ASP A 77 -23.38 17.01 -12.90
C ASP A 77 -22.33 17.00 -11.79
N LYS A 78 -21.17 17.60 -12.09
CA LYS A 78 -20.06 17.70 -11.15
C LYS A 78 -19.58 16.32 -10.70
N VAL A 79 -19.73 15.31 -11.55
CA VAL A 79 -19.24 13.98 -11.28
C VAL A 79 -18.34 13.56 -12.44
N ASN A 80 -17.16 13.04 -12.12
CA ASN A 80 -16.16 12.66 -13.12
C ASN A 80 -16.17 11.15 -13.30
N PHE A 81 -16.26 10.71 -14.56
CA PHE A 81 -16.24 9.31 -14.91
C PHE A 81 -15.02 9.03 -15.77
N HIS A 82 -14.31 7.95 -15.44
CA HIS A 82 -13.15 7.48 -16.18
C HIS A 82 -13.50 6.17 -16.88
N MET A 83 -13.40 6.16 -18.20
CA MET A 83 -13.70 5.00 -19.02
C MET A 83 -12.40 4.46 -19.61
N PHE A 84 -12.14 3.16 -19.39
CA PHE A 84 -10.91 2.51 -19.81
C PHE A 84 -11.23 1.49 -20.88
N ASP A 85 -10.55 1.59 -22.03
CA ASP A 85 -10.68 0.65 -23.13
C ASP A 85 -9.33 -0.01 -23.34
N VAL A 86 -9.26 -1.31 -23.09
CA VAL A 86 -8.01 -2.05 -23.21
C VAL A 86 -7.94 -2.66 -24.60
N GLY A 87 -6.90 -2.32 -25.35
CA GLY A 87 -6.71 -2.83 -26.70
C GLY A 87 -6.18 -1.79 -27.65
N ARG A 93 -9.49 -10.04 -22.85
CA ARG A 93 -10.34 -9.95 -21.66
C ARG A 93 -10.33 -11.27 -20.89
N ARG A 94 -9.16 -11.89 -20.84
CA ARG A 94 -9.01 -13.21 -20.22
C ARG A 94 -8.19 -13.16 -18.94
N LYS A 95 -7.00 -12.56 -18.96
CA LYS A 95 -6.13 -12.50 -17.80
C LYS A 95 -6.02 -11.12 -17.18
N TRP A 96 -5.91 -10.07 -17.98
CA TRP A 96 -5.77 -8.73 -17.43
C TRP A 96 -7.06 -8.22 -16.81
N ILE A 97 -8.20 -8.83 -17.12
CA ILE A 97 -9.48 -8.32 -16.66
C ILE A 97 -9.62 -8.41 -15.14
N GLN A 98 -8.84 -9.28 -14.49
CA GLN A 98 -8.85 -9.33 -13.03
C GLN A 98 -8.35 -8.04 -12.42
N CYS A 99 -7.63 -7.23 -13.17
CA CYS A 99 -7.21 -5.91 -12.68
C CYS A 99 -8.38 -4.96 -12.57
N PHE A 100 -9.52 -5.27 -13.19
CA PHE A 100 -10.70 -4.41 -13.18
C PHE A 100 -11.82 -5.00 -12.34
N ASN A 101 -11.48 -5.63 -11.22
CA ASN A 101 -12.48 -6.22 -10.34
C ASN A 101 -13.06 -5.23 -9.35
N ASP A 102 -12.62 -3.97 -9.37
CA ASP A 102 -13.10 -2.96 -8.44
C ASP A 102 -13.66 -1.74 -9.15
N VAL A 103 -13.91 -1.84 -10.46
CA VAL A 103 -14.53 -0.73 -11.18
C VAL A 103 -16.00 -0.63 -10.80
N THR A 104 -16.57 0.55 -11.03
CA THR A 104 -17.98 0.76 -10.69
C THR A 104 -18.89 -0.01 -11.64
N ALA A 105 -18.59 0.00 -12.94
CA ALA A 105 -19.46 -0.68 -13.90
C ALA A 105 -18.66 -1.05 -15.15
N ILE A 106 -19.21 -2.00 -15.89
CA ILE A 106 -18.69 -2.40 -17.19
C ILE A 106 -19.71 -1.98 -18.24
N ILE A 107 -19.25 -1.21 -19.23
CA ILE A 107 -20.08 -0.76 -20.33
C ILE A 107 -19.82 -1.71 -21.49
N PHE A 108 -20.77 -2.60 -21.75
CA PHE A 108 -20.68 -3.56 -22.83
C PHE A 108 -21.45 -3.03 -24.03
N VAL A 109 -20.79 -2.95 -25.18
CA VAL A 109 -21.39 -2.40 -26.40
C VAL A 109 -21.56 -3.53 -27.40
N VAL A 110 -22.79 -3.67 -27.92
CA VAL A 110 -23.14 -4.71 -28.88
C VAL A 110 -23.73 -4.04 -30.11
N ASP A 111 -23.27 -4.46 -31.28
CA ASP A 111 -23.84 -4.00 -32.55
C ASP A 111 -24.97 -4.95 -32.91
N SER A 112 -26.21 -4.47 -32.79
CA SER A 112 -27.38 -5.31 -33.02
C SER A 112 -27.79 -5.38 -34.48
N SER A 113 -27.16 -4.61 -35.36
CA SER A 113 -27.51 -4.65 -36.78
C SER A 113 -27.05 -5.95 -37.42
N ASP A 114 -25.86 -6.42 -37.08
CA ASP A 114 -25.29 -7.62 -37.70
C ASP A 114 -25.76 -8.85 -36.95
N TYR A 115 -26.65 -9.62 -37.58
CA TYR A 115 -27.12 -10.87 -36.97
C TYR A 115 -26.09 -11.98 -37.07
N ASN A 116 -25.11 -11.85 -37.97
CA ASN A 116 -24.09 -12.89 -38.11
C ASN A 116 -23.26 -13.01 -36.84
N ARG A 117 -22.90 -11.88 -36.24
CA ARG A 117 -22.06 -11.85 -35.04
C ARG A 117 -22.87 -11.79 -33.74
N LEU A 118 -24.19 -11.86 -33.82
CA LEU A 118 -25.01 -11.74 -32.62
C LEU A 118 -24.73 -12.86 -31.63
N GLN A 119 -24.60 -14.09 -32.11
CA GLN A 119 -24.29 -15.19 -31.20
C GLN A 119 -22.91 -15.03 -30.59
N GLU A 120 -21.95 -14.51 -31.36
CA GLU A 120 -20.64 -14.21 -30.79
C GLU A 120 -20.74 -13.18 -29.68
N ALA A 121 -21.54 -12.14 -29.90
CA ALA A 121 -21.73 -11.12 -28.88
C ALA A 121 -22.39 -11.71 -27.63
N LEU A 122 -23.38 -12.57 -27.81
CA LEU A 122 -24.03 -13.22 -26.68
C LEU A 122 -23.05 -14.09 -25.90
N ASN A 123 -22.21 -14.83 -26.60
CA ASN A 123 -21.21 -15.66 -25.92
C ASN A 123 -20.21 -14.80 -25.16
N ASP A 124 -19.78 -13.68 -25.77
CA ASP A 124 -18.85 -12.78 -25.08
C ASP A 124 -19.48 -12.19 -23.83
N PHE A 125 -20.75 -11.77 -23.94
CA PHE A 125 -21.43 -11.21 -22.77
C PHE A 125 -21.61 -12.26 -21.69
N LYS A 126 -21.91 -13.51 -22.07
CA LYS A 126 -22.02 -14.58 -21.08
C LYS A 126 -20.68 -14.83 -20.39
N SER A 127 -19.58 -14.79 -21.16
CA SER A 127 -18.27 -14.97 -20.56
C SER A 127 -17.94 -13.85 -19.58
N ILE A 128 -18.28 -12.61 -19.95
CA ILE A 128 -18.03 -11.48 -19.06
C ILE A 128 -18.89 -11.58 -17.79
N TRP A 129 -20.16 -11.94 -17.96
CA TRP A 129 -21.10 -11.96 -16.84
C TRP A 129 -20.71 -13.01 -15.81
N ASN A 130 -20.28 -14.18 -16.26
CA ASN A 130 -19.98 -15.31 -15.38
C ASN A 130 -18.52 -15.35 -14.94
N ASN A 131 -17.73 -14.33 -15.28
CA ASN A 131 -16.35 -14.28 -14.85
C ASN A 131 -16.28 -14.23 -13.32
N ARG A 132 -15.30 -14.94 -12.76
CA ARG A 132 -15.18 -15.02 -11.32
C ARG A 132 -14.64 -13.74 -10.70
N TRP A 133 -13.91 -12.93 -11.47
CA TRP A 133 -13.40 -11.66 -10.99
C TRP A 133 -14.36 -10.50 -11.24
N LEU A 134 -15.51 -10.78 -11.84
CA LEU A 134 -16.50 -9.75 -12.14
C LEU A 134 -17.87 -10.17 -11.65
N ARG A 135 -17.91 -10.86 -10.51
CA ARG A 135 -19.18 -11.35 -9.98
C ARG A 135 -19.97 -10.29 -9.22
N THR A 136 -19.35 -9.16 -8.89
CA THR A 136 -20.04 -8.07 -8.20
C THR A 136 -20.14 -6.82 -9.03
N ILE A 137 -19.67 -6.83 -10.27
CA ILE A 137 -19.68 -5.65 -11.13
C ILE A 137 -20.93 -5.67 -11.98
N SER A 138 -21.65 -4.55 -11.98
CA SER A 138 -22.84 -4.42 -12.81
C SER A 138 -22.45 -4.01 -14.23
N VAL A 139 -23.24 -4.45 -15.20
CA VAL A 139 -22.95 -4.24 -16.61
C VAL A 139 -23.98 -3.29 -17.17
N ILE A 140 -23.51 -2.26 -17.86
CA ILE A 140 -24.38 -1.30 -18.54
C ILE A 140 -24.33 -1.65 -20.01
N LEU A 141 -25.27 -2.48 -20.45
CA LEU A 141 -25.30 -2.94 -21.83
C LEU A 141 -25.77 -1.81 -22.74
N PHE A 142 -25.07 -1.65 -23.87
CA PHE A 142 -25.37 -0.58 -24.84
C PHE A 142 -25.58 -1.24 -26.20
N LEU A 143 -26.84 -1.52 -26.53
CA LEU A 143 -27.18 -2.08 -27.84
C LEU A 143 -27.08 -0.99 -28.90
N ASN A 144 -25.93 -0.91 -29.55
CA ASN A 144 -25.63 0.20 -30.44
C ASN A 144 -26.22 -0.01 -31.83
N LYS A 145 -26.34 1.10 -32.56
CA LYS A 145 -26.78 1.11 -33.96
C LYS A 145 -28.18 0.49 -34.11
N GLN A 146 -29.15 1.12 -33.43
CA GLN A 146 -30.53 0.67 -33.56
C GLN A 146 -31.16 1.12 -34.87
N ASP A 147 -30.70 2.24 -35.43
CA ASP A 147 -31.23 2.70 -36.70
C ASP A 147 -30.92 1.72 -37.83
N LEU A 148 -29.71 1.16 -37.83
CA LEU A 148 -29.36 0.16 -38.83
C LEU A 148 -30.21 -1.10 -38.65
N LEU A 149 -30.47 -1.49 -37.40
CA LEU A 149 -31.35 -2.62 -37.15
C LEU A 149 -32.75 -2.35 -37.69
N ALA A 150 -33.27 -1.15 -37.47
CA ALA A 150 -34.59 -0.81 -37.99
C ALA A 150 -34.61 -0.85 -39.51
N GLU A 151 -33.57 -0.31 -40.14
CA GLU A 151 -33.49 -0.33 -41.61
C GLU A 151 -33.43 -1.76 -42.14
N LYS A 152 -32.65 -2.63 -41.50
CA LYS A 152 -32.55 -4.01 -41.93
C LYS A 152 -33.87 -4.75 -41.76
N VAL A 153 -34.57 -4.50 -40.64
CA VAL A 153 -35.86 -5.15 -40.43
C VAL A 153 -36.88 -4.68 -41.45
N LEU A 154 -36.92 -3.37 -41.73
CA LEU A 154 -37.88 -2.85 -42.70
C LEU A 154 -37.57 -3.35 -44.11
N ALA A 155 -36.29 -3.46 -44.46
CA ALA A 155 -35.94 -3.92 -45.80
C ALA A 155 -36.40 -5.35 -46.03
N GLY A 156 -36.23 -6.23 -45.03
CA GLY A 156 -36.68 -7.59 -45.13
C GLY A 156 -35.75 -8.53 -45.88
N LYS A 157 -34.60 -8.05 -46.33
CA LYS A 157 -33.66 -8.93 -47.03
C LYS A 157 -33.14 -10.03 -46.10
N SER A 158 -32.83 -9.68 -44.86
CA SER A 158 -32.34 -10.62 -43.87
C SER A 158 -33.38 -10.78 -42.76
N LYS A 159 -33.60 -12.02 -42.33
CA LYS A 159 -34.59 -12.34 -41.32
C LYS A 159 -33.91 -12.82 -40.05
N ILE A 160 -34.40 -12.34 -38.91
CA ILE A 160 -33.85 -12.76 -37.62
C ILE A 160 -34.10 -14.24 -37.39
N GLU A 161 -35.25 -14.74 -37.84
CA GLU A 161 -35.60 -16.15 -37.66
C GLU A 161 -34.60 -17.08 -38.34
N ASP A 162 -33.88 -16.60 -39.36
CA ASP A 162 -32.87 -17.43 -40.01
C ASP A 162 -31.76 -17.81 -39.04
N TYR A 163 -31.32 -16.85 -38.22
CA TYR A 163 -30.25 -17.10 -37.26
C TYR A 163 -30.79 -17.56 -35.91
N PHE A 164 -31.88 -16.96 -35.43
CA PHE A 164 -32.50 -17.32 -34.17
C PHE A 164 -33.87 -17.91 -34.43
N PRO A 165 -34.03 -19.23 -34.38
CA PRO A 165 -35.35 -19.82 -34.66
C PRO A 165 -36.44 -19.43 -33.69
N GLU A 166 -36.08 -18.99 -32.48
CA GLU A 166 -37.07 -18.66 -31.47
C GLU A 166 -37.84 -17.38 -31.80
N PHE A 167 -37.34 -16.57 -32.74
CA PHE A 167 -38.01 -15.32 -33.09
C PHE A 167 -39.34 -15.55 -33.80
N ALA A 168 -39.57 -16.75 -34.35
CA ALA A 168 -40.82 -17.01 -35.05
C ALA A 168 -42.02 -16.95 -34.11
N ARG A 169 -41.87 -17.48 -32.90
CA ARG A 169 -42.96 -17.55 -31.94
C ARG A 169 -42.90 -16.46 -30.88
N TYR A 170 -42.01 -15.47 -31.04
CA TYR A 170 -41.91 -14.38 -30.08
C TYR A 170 -42.84 -13.25 -30.48
N THR A 171 -43.52 -12.67 -29.49
CA THR A 171 -44.44 -11.57 -29.69
C THR A 171 -44.08 -10.42 -28.78
N THR A 172 -44.12 -9.20 -29.31
CA THR A 172 -43.78 -8.03 -28.52
C THR A 172 -44.81 -7.82 -27.42
N PRO A 173 -44.40 -7.37 -26.22
CA PRO A 173 -45.32 -7.08 -25.11
C PRO A 173 -46.34 -6.01 -25.45
N ASP A 183 -42.58 1.10 -36.11
CA ASP A 183 -43.14 -0.13 -36.67
C ASP A 183 -43.12 -1.26 -35.64
N PRO A 184 -44.21 -2.04 -35.60
CA PRO A 184 -44.26 -3.15 -34.63
C PRO A 184 -43.18 -4.19 -34.82
N ARG A 185 -42.74 -4.44 -36.06
CA ARG A 185 -41.70 -5.44 -36.28
C ARG A 185 -40.37 -5.01 -35.70
N VAL A 186 -40.02 -3.73 -35.84
CA VAL A 186 -38.77 -3.23 -35.28
C VAL A 186 -38.79 -3.34 -33.75
N THR A 187 -39.92 -2.97 -33.14
CA THR A 187 -40.05 -3.10 -31.69
C THR A 187 -39.95 -4.55 -31.26
N ARG A 188 -40.57 -5.46 -32.01
CA ARG A 188 -40.51 -6.87 -31.68
C ARG A 188 -39.08 -7.39 -31.74
N ALA A 189 -38.34 -7.02 -32.80
CA ALA A 189 -36.96 -7.47 -32.91
C ALA A 189 -36.08 -6.90 -31.80
N LYS A 190 -36.24 -5.61 -31.51
CA LYS A 190 -35.45 -4.99 -30.44
C LYS A 190 -35.74 -5.65 -29.10
N TYR A 191 -37.02 -5.89 -28.81
CA TYR A 191 -37.37 -6.53 -27.54
C TYR A 191 -36.89 -7.97 -27.48
N PHE A 192 -36.87 -8.67 -28.62
CA PHE A 192 -36.31 -10.02 -28.62
C PHE A 192 -34.82 -10.02 -28.32
N ILE A 193 -34.07 -9.09 -28.92
CA ILE A 193 -32.64 -9.00 -28.66
C ILE A 193 -32.38 -8.68 -27.19
N ARG A 194 -33.11 -7.69 -26.67
CA ARG A 194 -32.96 -7.33 -25.25
C ARG A 194 -33.37 -8.49 -24.36
N LYS A 195 -34.39 -9.25 -24.77
CA LYS A 195 -34.82 -10.41 -23.99
C LYS A 195 -33.73 -11.47 -23.95
N GLU A 196 -33.04 -11.70 -25.08
CA GLU A 196 -31.94 -12.65 -25.08
C GLU A 196 -30.82 -12.20 -24.13
N PHE A 197 -30.45 -10.92 -24.19
CA PHE A 197 -29.39 -10.44 -23.32
C PHE A 197 -29.79 -10.50 -21.84
N VAL A 198 -31.04 -10.15 -21.53
CA VAL A 198 -31.50 -10.21 -20.14
C VAL A 198 -31.64 -11.66 -19.69
N ASP A 199 -31.96 -12.57 -20.61
CA ASP A 199 -31.98 -13.99 -20.27
C ASP A 199 -30.58 -14.47 -19.89
N ILE A 200 -29.56 -14.02 -20.61
CA ILE A 200 -28.19 -14.32 -20.22
C ILE A 200 -27.88 -13.70 -18.86
N SER A 201 -28.30 -12.46 -18.65
CA SER A 201 -27.95 -11.72 -17.43
C SER A 201 -28.58 -12.37 -16.19
N THR A 202 -29.91 -12.48 -16.17
CA THR A 202 -30.63 -12.93 -14.98
C THR A 202 -30.27 -14.35 -14.58
N ALA A 203 -29.83 -15.18 -15.53
CA ALA A 203 -29.41 -16.53 -15.18
C ALA A 203 -28.08 -16.47 -14.43
N SER A 204 -28.03 -17.16 -13.29
CA SER A 204 -26.83 -17.21 -12.44
C SER A 204 -26.35 -15.80 -12.06
N GLY A 205 -27.30 -14.93 -11.72
CA GLY A 205 -26.97 -13.59 -11.31
C GLY A 205 -27.05 -13.38 -9.81
N ASP A 206 -28.09 -13.94 -9.19
CA ASP A 206 -28.35 -13.87 -7.75
C ASP A 206 -28.58 -12.46 -7.24
N GLY A 207 -28.70 -11.48 -8.14
CA GLY A 207 -29.01 -10.12 -7.75
C GLY A 207 -27.86 -9.31 -7.21
N ARG A 208 -26.65 -9.87 -7.15
CA ARG A 208 -25.50 -9.12 -6.66
C ARG A 208 -24.98 -8.11 -7.68
N HIS A 209 -25.35 -8.25 -8.95
CA HIS A 209 -25.04 -7.26 -9.96
C HIS A 209 -26.12 -7.31 -11.03
N ILE A 210 -26.49 -6.13 -11.53
CA ILE A 210 -27.66 -5.96 -12.39
C ILE A 210 -27.23 -5.41 -13.73
N CYS A 211 -27.76 -6.00 -14.81
CA CYS A 211 -27.54 -5.47 -16.14
C CYS A 211 -28.55 -4.35 -16.43
N TYR A 212 -28.09 -3.32 -17.15
CA TYR A 212 -28.90 -2.16 -17.49
C TYR A 212 -28.92 -2.00 -18.99
N PRO A 213 -29.80 -2.71 -19.70
CA PRO A 213 -29.84 -2.61 -21.16
C PRO A 213 -30.29 -1.23 -21.63
N HIS A 214 -29.74 -0.82 -22.77
CA HIS A 214 -30.12 0.43 -23.41
C HIS A 214 -29.99 0.26 -24.91
N PHE A 215 -30.83 0.98 -25.66
CA PHE A 215 -30.77 1.00 -27.11
C PHE A 215 -30.25 2.35 -27.58
N THR A 216 -29.22 2.31 -28.42
CA THR A 216 -28.49 3.51 -28.80
C THR A 216 -28.24 3.52 -30.30
N CYS A 217 -28.18 4.72 -30.87
CA CYS A 217 -27.80 4.92 -32.26
C CYS A 217 -26.51 5.73 -32.30
N ALA A 218 -25.96 5.87 -33.50
CA ALA A 218 -24.69 6.58 -33.66
C ALA A 218 -24.82 8.06 -33.34
N VAL A 219 -25.96 8.66 -33.69
CA VAL A 219 -26.17 10.09 -33.48
C VAL A 219 -26.71 10.41 -32.09
N ASP A 220 -26.88 9.41 -31.23
CA ASP A 220 -27.39 9.65 -29.90
C ASP A 220 -26.39 10.44 -29.06
N THR A 221 -26.92 11.26 -28.16
CA THR A 221 -26.10 12.10 -27.31
C THR A 221 -26.51 12.05 -25.84
N GLU A 222 -27.40 11.13 -25.47
CA GLU A 222 -27.84 10.98 -24.09
C GLU A 222 -27.17 9.81 -23.38
N ASN A 223 -26.11 9.26 -23.96
CA ASN A 223 -25.44 8.11 -23.35
C ASN A 223 -24.78 8.48 -22.04
N ALA A 224 -24.24 9.69 -21.94
CA ALA A 224 -23.62 10.14 -20.70
C ALA A 224 -24.65 10.20 -19.57
N ARG A 225 -25.84 10.72 -19.87
CA ARG A 225 -26.90 10.78 -18.86
C ARG A 225 -27.35 9.38 -18.44
N ARG A 226 -27.47 8.46 -19.40
CA ARG A 226 -27.85 7.09 -19.06
C ARG A 226 -26.80 6.42 -18.19
N ILE A 227 -25.52 6.61 -18.51
CA ILE A 227 -24.45 6.06 -17.68
C ILE A 227 -24.50 6.68 -16.29
N PHE A 228 -24.77 7.99 -16.21
CA PHE A 228 -24.86 8.66 -14.92
C PHE A 228 -25.97 8.06 -14.07
N ASN A 229 -27.15 7.87 -14.66
CA ASN A 229 -28.28 7.30 -13.91
C ASN A 229 -27.99 5.86 -13.47
N ASP A 230 -27.42 5.06 -14.37
CA ASP A 230 -27.12 3.67 -14.01
C ASP A 230 -26.05 3.59 -12.93
N CYS A 231 -25.03 4.44 -13.00
CA CYS A 231 -24.02 4.47 -11.95
C CYS A 231 -24.60 4.92 -10.63
N LYS A 232 -25.51 5.90 -10.66
CA LYS A 232 -26.20 6.31 -9.44
C LYS A 232 -26.97 5.16 -8.84
N ASP A 233 -27.68 4.39 -9.68
CA ASP A 233 -28.42 3.24 -9.17
C ASP A 233 -27.47 2.19 -8.58
N ILE A 234 -26.34 1.94 -9.25
CA ILE A 234 -25.38 0.95 -8.76
C ILE A 234 -24.83 1.37 -7.41
N ILE A 235 -24.43 2.63 -7.29
CA ILE A 235 -23.87 3.12 -6.03
C ILE A 235 -24.94 3.12 -4.93
N LEU A 236 -26.17 3.46 -5.28
CA LEU A 236 -27.25 3.41 -4.31
C LEU A 236 -27.47 1.99 -3.79
N GLN A 237 -27.45 1.02 -4.69
CA GLN A 237 -27.60 -0.37 -4.25
C GLN A 237 -26.42 -0.81 -3.39
N MET A 238 -25.20 -0.37 -3.74
CA MET A 238 -24.04 -0.68 -2.92
C MET A 238 -24.18 -0.10 -1.52
N ASN A 239 -24.63 1.14 -1.42
CA ASN A 239 -24.80 1.78 -0.12
C ASN A 239 -25.90 1.09 0.69
N LEU A 240 -27.01 0.73 0.03
CA LEU A 240 -28.08 0.03 0.73
C LEU A 240 -27.61 -1.31 1.26
N ARG A 241 -26.83 -2.05 0.46
CA ARG A 241 -26.30 -3.33 0.91
C ARG A 241 -25.29 -3.13 2.05
N GLU A 242 -24.51 -2.06 1.99
CA GLU A 242 -23.54 -1.78 3.04
C GLU A 242 -24.24 -1.50 4.37
N TYR A 243 -25.33 -0.74 4.33
CA TYR A 243 -26.08 -0.37 5.54
C TYR A 243 -27.02 -1.45 6.01
N ASN A 244 -26.88 -2.68 5.51
CA ASN A 244 -27.71 -3.82 5.87
C ASN A 244 -29.18 -3.60 5.52
N LEU A 245 -29.46 -2.65 4.63
CA LEU A 245 -30.80 -2.43 4.14
C LEU A 245 -31.09 -3.42 3.01
N VAL A 246 -32.14 -3.18 2.24
CA VAL A 246 -32.49 -4.03 1.11
C VAL A 246 -31.32 -4.11 0.13
N GLU B 21 3.77 -31.61 -47.61
CA GLU B 21 4.85 -30.95 -46.87
C GLU B 21 4.43 -30.67 -45.43
N LEU B 22 3.27 -30.06 -45.26
CA LEU B 22 2.78 -29.75 -43.92
C LEU B 22 2.53 -31.02 -43.11
N ASP B 23 1.92 -32.04 -43.74
CA ASP B 23 1.66 -33.29 -43.05
C ASP B 23 2.95 -33.98 -42.66
N GLN B 24 3.94 -33.97 -43.55
CA GLN B 24 5.23 -34.60 -43.23
C GLN B 24 5.90 -33.91 -42.06
N LEU B 25 5.88 -32.56 -42.04
CA LEU B 25 6.47 -31.84 -40.93
C LEU B 25 5.72 -32.11 -39.63
N ARG B 26 4.39 -32.18 -39.68
CA ARG B 26 3.62 -32.49 -38.48
C ARG B 26 3.95 -33.88 -37.96
N GLN B 27 4.06 -34.87 -38.85
CA GLN B 27 4.43 -36.22 -38.43
C GLN B 27 5.83 -36.25 -37.85
N GLU B 28 6.76 -35.50 -38.45
CA GLU B 28 8.12 -35.45 -37.91
C GLU B 28 8.13 -34.80 -36.53
N ALA B 29 7.34 -33.75 -36.32
CA ALA B 29 7.25 -33.13 -35.01
C ALA B 29 6.67 -34.08 -33.98
N GLU B 30 5.64 -34.84 -34.37
CA GLU B 30 5.07 -35.82 -33.46
C GLU B 30 6.09 -36.90 -33.11
N GLN B 31 6.86 -37.35 -34.09
CA GLN B 31 7.90 -38.35 -33.83
C GLN B 31 8.97 -37.79 -32.90
N LEU B 32 9.35 -36.53 -33.09
CA LEU B 32 10.35 -35.91 -32.22
C LEU B 32 9.83 -35.78 -30.79
N LYS B 33 8.56 -35.40 -30.63
CA LYS B 33 7.99 -35.32 -29.29
C LYS B 33 7.91 -36.68 -28.63
N ASN B 34 7.56 -37.72 -29.40
CA ASN B 34 7.55 -39.08 -28.86
C ASN B 34 8.96 -39.50 -28.44
N GLN B 35 9.97 -39.16 -29.24
CA GLN B 35 11.35 -39.48 -28.88
C GLN B 35 11.76 -38.77 -27.61
N ILE B 36 11.38 -37.49 -27.47
CA ILE B 36 11.72 -36.75 -26.26
C ILE B 36 11.06 -37.37 -25.04
N ARG B 37 9.77 -37.75 -25.17
CA ARG B 37 9.07 -38.38 -24.06
C ARG B 37 9.72 -39.72 -23.70
N ASP B 38 10.11 -40.51 -24.70
CA ASP B 38 10.77 -41.77 -24.42
C ASP B 38 12.12 -41.56 -23.73
N ALA B 39 12.87 -40.56 -24.17
CA ALA B 39 14.16 -40.26 -23.53
C ALA B 39 13.96 -39.83 -22.09
N ARG B 40 12.94 -39.02 -21.82
CA ARG B 40 12.64 -38.64 -20.44
C ARG B 40 12.25 -39.84 -19.61
N LYS B 41 11.46 -40.75 -20.19
CA LYS B 41 11.06 -41.96 -19.46
C LYS B 41 12.27 -42.83 -19.14
N ALA B 42 13.21 -42.94 -20.07
CA ALA B 42 14.37 -43.80 -19.86
C ALA B 42 15.26 -43.29 -18.73
N CYS B 43 15.23 -41.97 -18.48
CA CYS B 43 16.07 -41.37 -17.44
C CYS B 43 15.30 -41.12 -16.15
N ALA B 44 14.31 -41.96 -15.85
CA ALA B 44 13.53 -41.86 -14.61
C ALA B 44 13.53 -43.23 -13.95
N ASP B 45 14.56 -43.49 -13.15
CA ASP B 45 14.67 -44.77 -12.43
C ASP B 45 13.99 -44.72 -11.08
N ALA B 46 14.31 -43.71 -10.27
CA ALA B 46 13.69 -43.50 -8.97
C ALA B 46 12.91 -42.18 -8.98
N THR B 47 12.36 -41.82 -7.83
CA THR B 47 11.62 -40.58 -7.66
C THR B 47 12.18 -39.82 -6.47
N LEU B 48 11.97 -38.50 -6.48
CA LEU B 48 12.42 -37.67 -5.37
C LEU B 48 11.76 -38.07 -4.06
N SER B 49 10.51 -38.52 -4.11
CA SER B 49 9.83 -38.97 -2.90
C SER B 49 10.50 -40.22 -2.33
N GLN B 50 10.89 -41.17 -3.19
CA GLN B 50 11.52 -42.39 -2.71
C GLN B 50 12.88 -42.11 -2.09
N ILE B 51 13.67 -41.24 -2.71
CA ILE B 51 15.01 -40.96 -2.20
C ILE B 51 14.94 -40.25 -0.85
N THR B 52 14.05 -39.27 -0.73
CA THR B 52 13.89 -38.52 0.51
C THR B 52 12.83 -39.13 1.42
N ASN B 53 12.58 -40.43 1.30
CA ASN B 53 11.60 -41.07 2.16
C ASN B 53 12.15 -41.32 3.57
N ASN B 54 13.47 -41.51 3.69
CA ASN B 54 14.10 -41.71 4.98
C ASN B 54 14.63 -40.42 5.59
N ILE B 55 14.41 -39.28 4.94
CA ILE B 55 14.93 -38.02 5.46
C ILE B 55 14.14 -37.59 6.69
N ASP B 56 14.75 -36.73 7.49
CA ASP B 56 14.10 -36.22 8.69
C ASP B 56 13.09 -35.15 8.32
N PRO B 57 11.84 -35.26 8.78
CA PRO B 57 10.83 -34.25 8.45
C PRO B 57 11.19 -32.89 9.03
N VAL B 58 10.75 -31.84 8.34
CA VAL B 58 11.00 -30.47 8.81
C VAL B 58 10.30 -30.24 10.14
N GLY B 59 9.04 -30.67 10.25
CA GLY B 59 8.28 -30.45 11.46
C GLY B 59 7.26 -29.34 11.30
N ARG B 60 6.90 -28.70 12.41
CA ARG B 60 5.92 -27.61 12.40
C ARG B 60 6.65 -26.28 12.33
N ILE B 61 6.25 -25.44 11.39
CA ILE B 61 6.83 -24.11 11.20
C ILE B 61 5.71 -23.09 11.38
N GLN B 62 5.92 -22.15 12.29
CA GLN B 62 4.91 -21.13 12.63
C GLN B 62 5.57 -19.76 12.61
N MET B 63 5.60 -19.14 11.43
CA MET B 63 6.08 -17.78 11.31
C MET B 63 5.00 -16.81 11.81
N ARG B 64 5.46 -15.67 12.32
CA ARG B 64 4.56 -14.66 12.87
C ARG B 64 4.82 -13.33 12.19
N THR B 65 3.79 -12.49 12.16
CA THR B 65 3.86 -11.21 11.49
C THR B 65 4.70 -10.25 12.33
N ARG B 66 5.98 -10.12 11.99
CA ARG B 66 6.85 -9.20 12.71
C ARG B 66 6.54 -7.76 12.35
N ARG B 67 6.29 -7.49 11.07
CA ARG B 67 6.00 -6.15 10.60
C ARG B 67 4.77 -6.16 9.72
N THR B 68 4.05 -5.05 9.71
CA THR B 68 2.90 -4.84 8.83
C THR B 68 3.04 -3.48 8.19
N LEU B 69 3.13 -3.45 6.86
CA LEU B 69 3.38 -2.22 6.13
C LEU B 69 2.06 -1.67 5.59
N ARG B 70 1.70 -0.48 6.05
CA ARG B 70 0.47 0.19 5.65
C ARG B 70 0.80 1.49 4.94
N GLY B 71 -0.07 1.88 4.01
CA GLY B 71 0.14 3.09 3.25
C GLY B 71 -0.34 2.97 1.81
N HIS B 72 -0.49 1.74 1.33
CA HIS B 72 -1.13 1.52 0.04
C HIS B 72 -2.65 1.61 0.21
N LEU B 73 -3.30 2.31 -0.71
CA LEU B 73 -4.74 2.52 -0.65
C LEU B 73 -5.51 1.70 -1.67
N ALA B 74 -4.86 0.72 -2.30
CA ALA B 74 -5.51 -0.14 -3.27
C ALA B 74 -4.76 -1.47 -3.30
N LYS B 75 -5.20 -2.35 -4.20
CA LYS B 75 -4.61 -3.68 -4.29
C LYS B 75 -3.13 -3.60 -4.64
N ILE B 76 -2.33 -4.43 -3.97
CA ILE B 76 -0.90 -4.53 -4.22
C ILE B 76 -0.66 -5.70 -5.16
N TYR B 77 0.13 -5.47 -6.20
CA TYR B 77 0.36 -6.51 -7.20
C TYR B 77 1.74 -7.15 -7.10
N ALA B 78 2.80 -6.36 -7.02
CA ALA B 78 4.15 -6.89 -7.05
C ALA B 78 4.95 -6.40 -5.85
N MET B 79 5.97 -7.17 -5.51
CA MET B 79 6.88 -6.85 -4.40
C MET B 79 8.21 -7.51 -4.68
N HIS B 80 9.30 -6.76 -4.50
CA HIS B 80 10.65 -7.29 -4.70
C HIS B 80 11.55 -6.83 -3.58
N TRP B 81 12.32 -7.75 -3.03
CA TRP B 81 13.29 -7.44 -1.99
C TRP B 81 14.57 -6.88 -2.59
N GLY B 82 15.20 -5.96 -1.85
CA GLY B 82 16.52 -5.51 -2.20
C GLY B 82 17.58 -6.53 -1.84
N THR B 83 18.77 -6.35 -2.42
CA THR B 83 19.87 -7.29 -2.16
C THR B 83 20.44 -7.15 -0.76
N ASP B 84 20.17 -6.04 -0.08
CA ASP B 84 20.61 -5.87 1.31
C ASP B 84 19.67 -6.49 2.31
N SER B 85 18.56 -7.08 1.84
CA SER B 85 17.57 -7.75 2.68
C SER B 85 16.92 -6.81 3.69
N ARG B 86 16.96 -5.52 3.45
CA ARG B 86 16.31 -4.57 4.34
C ARG B 86 15.32 -3.66 3.62
N LEU B 87 15.63 -3.21 2.41
CA LEU B 87 14.73 -2.37 1.65
C LEU B 87 13.92 -3.22 0.69
N LEU B 88 12.66 -2.84 0.48
CA LEU B 88 11.82 -3.54 -0.48
C LEU B 88 10.98 -2.53 -1.24
N VAL B 89 10.39 -2.97 -2.34
CA VAL B 89 9.56 -2.12 -3.19
C VAL B 89 8.24 -2.82 -3.45
N SER B 90 7.16 -2.06 -3.49
CA SER B 90 5.84 -2.61 -3.78
C SER B 90 5.10 -1.68 -4.73
N ALA B 91 4.18 -2.24 -5.51
CA ALA B 91 3.41 -1.51 -6.50
C ALA B 91 1.94 -1.75 -6.27
N SER B 92 1.13 -0.68 -6.36
CA SER B 92 -0.30 -0.81 -6.11
C SER B 92 -1.10 -0.13 -7.22
N GLN B 93 -2.42 -0.37 -7.19
CA GLN B 93 -3.33 0.19 -8.16
C GLN B 93 -3.46 1.70 -8.06
N ASP B 94 -3.12 2.29 -6.92
CA ASP B 94 -3.25 3.72 -6.74
C ASP B 94 -2.19 4.51 -7.47
N GLY B 95 -1.45 3.87 -8.37
CA GLY B 95 -0.38 4.55 -9.07
C GLY B 95 0.83 4.79 -8.22
N LYS B 96 1.02 4.01 -7.16
CA LYS B 96 2.09 4.23 -6.20
C LYS B 96 3.06 3.06 -6.22
N LEU B 97 4.35 3.39 -6.33
CA LEU B 97 5.46 2.48 -6.13
C LEU B 97 6.18 2.93 -4.87
N ILE B 98 6.02 2.17 -3.79
CA ILE B 98 6.52 2.58 -2.48
C ILE B 98 7.71 1.72 -2.12
N ILE B 99 8.81 2.37 -1.75
CA ILE B 99 10.02 1.70 -1.27
C ILE B 99 10.06 1.84 0.25
N TRP B 100 10.06 0.71 0.93
CA TRP B 100 9.95 0.63 2.38
C TRP B 100 11.27 0.17 2.98
N ASP B 101 11.58 0.71 4.16
CA ASP B 101 12.60 0.16 5.04
C ASP B 101 11.92 -0.84 5.97
N SER B 102 12.15 -2.13 5.73
CA SER B 102 11.41 -3.17 6.43
C SER B 102 11.73 -3.23 7.92
N TYR B 103 12.91 -2.76 8.33
CA TYR B 103 13.29 -2.87 9.74
C TYR B 103 12.47 -1.91 10.60
N THR B 104 12.32 -0.67 10.16
CA THR B 104 11.61 0.35 10.93
C THR B 104 10.25 0.70 10.35
N THR B 105 9.83 0.03 9.28
CA THR B 105 8.56 0.31 8.59
C THR B 105 8.47 1.76 8.14
N ASN B 106 9.59 2.36 7.77
CA ASN B 106 9.63 3.73 7.29
C ASN B 106 9.58 3.75 5.77
N LYS B 107 8.67 4.53 5.21
CA LYS B 107 8.56 4.67 3.76
C LYS B 107 9.76 5.48 3.26
N VAL B 108 10.75 4.78 2.71
CA VAL B 108 11.92 5.46 2.18
C VAL B 108 11.55 6.32 0.98
N HIS B 109 10.71 5.80 0.09
CA HIS B 109 10.33 6.54 -1.11
C HIS B 109 8.90 6.24 -1.50
N ALA B 110 8.26 7.21 -2.15
CA ALA B 110 6.96 7.02 -2.78
C ALA B 110 7.02 7.63 -4.17
N ILE B 111 6.79 6.81 -5.18
CA ILE B 111 6.95 7.19 -6.58
C ILE B 111 5.56 7.18 -7.22
N PRO B 112 5.10 8.30 -7.78
CA PRO B 112 3.86 8.29 -8.56
C PRO B 112 4.09 7.71 -9.94
N LEU B 113 3.18 6.83 -10.36
CA LEU B 113 3.29 6.15 -11.63
C LEU B 113 2.41 6.83 -12.67
N ARG B 114 2.93 6.94 -13.90
CA ARG B 114 2.18 7.56 -14.97
C ARG B 114 0.91 6.78 -15.28
N SER B 115 0.99 5.45 -15.28
CA SER B 115 -0.15 4.58 -15.51
C SER B 115 -0.50 3.87 -14.22
N SER B 116 -1.77 3.95 -13.82
CA SER B 116 -2.23 3.33 -12.59
C SER B 116 -2.30 1.81 -12.67
N TRP B 117 -2.19 1.23 -13.86
CA TRP B 117 -2.32 -0.21 -14.07
C TRP B 117 -0.94 -0.82 -14.15
N VAL B 118 -0.44 -1.30 -13.02
CA VAL B 118 0.88 -1.91 -12.92
C VAL B 118 0.74 -3.30 -12.34
N MET B 119 1.41 -4.27 -12.96
CA MET B 119 1.35 -5.66 -12.54
C MET B 119 2.68 -6.20 -12.05
N THR B 120 3.78 -5.47 -12.23
CA THR B 120 5.09 -5.97 -11.86
C THR B 120 5.96 -4.82 -11.37
N CYS B 121 6.95 -5.15 -10.55
CA CYS B 121 7.96 -4.21 -10.10
C CYS B 121 9.24 -4.98 -9.80
N ALA B 122 10.37 -4.27 -9.89
CA ALA B 122 11.67 -4.90 -9.70
C ALA B 122 12.61 -3.94 -8.99
N TYR B 123 13.59 -4.52 -8.31
CA TYR B 123 14.62 -3.77 -7.60
C TYR B 123 15.97 -4.17 -8.17
N ALA B 124 16.77 -3.17 -8.57
CA ALA B 124 18.07 -3.45 -9.14
C ALA B 124 18.99 -4.06 -8.08
N PRO B 125 19.85 -5.01 -8.46
CA PRO B 125 20.75 -5.61 -7.46
C PRO B 125 21.66 -4.60 -6.80
N SER B 126 22.09 -3.56 -7.53
CA SER B 126 22.89 -2.50 -6.92
C SER B 126 22.05 -1.58 -6.03
N GLY B 127 20.74 -1.59 -6.20
CA GLY B 127 19.87 -0.71 -5.44
C GLY B 127 19.72 0.69 -5.97
N ASN B 128 20.28 0.97 -7.15
CA ASN B 128 20.21 2.31 -7.72
C ASN B 128 18.96 2.55 -8.56
N TYR B 129 18.29 1.49 -9.01
CA TYR B 129 17.15 1.63 -9.92
C TYR B 129 16.01 0.74 -9.46
N VAL B 130 14.81 1.12 -9.87
CA VAL B 130 13.63 0.26 -9.75
C VAL B 130 12.92 0.25 -11.10
N ALA B 131 12.09 -0.75 -11.30
CA ALA B 131 11.35 -0.91 -12.55
C ALA B 131 9.90 -1.25 -12.27
N CYS B 132 9.04 -0.89 -13.21
CA CYS B 132 7.62 -1.22 -13.11
C CYS B 132 7.04 -1.31 -14.51
N GLY B 133 5.86 -1.92 -14.61
CA GLY B 133 5.19 -2.06 -15.88
C GLY B 133 3.83 -2.68 -15.67
N GLY B 134 3.03 -2.65 -16.73
CA GLY B 134 1.68 -3.18 -16.65
C GLY B 134 0.90 -3.10 -17.95
N LEU B 135 -0.36 -2.66 -17.85
CA LEU B 135 -1.24 -2.62 -19.01
C LEU B 135 -0.84 -1.55 -20.02
N ASP B 136 0.11 -0.68 -19.67
CA ASP B 136 0.56 0.36 -20.60
C ASP B 136 1.58 -0.15 -21.60
N ASN B 137 2.00 -1.42 -21.50
CA ASN B 137 2.97 -2.04 -22.41
C ASN B 137 4.33 -1.36 -22.36
N ILE B 138 4.65 -0.68 -21.25
CA ILE B 138 5.91 0.03 -21.09
C ILE B 138 6.60 -0.51 -19.85
N CYS B 139 7.93 -0.55 -19.90
CA CYS B 139 8.74 -0.84 -18.72
C CYS B 139 9.42 0.46 -18.30
N SER B 140 8.94 1.05 -17.21
CA SER B 140 9.46 2.32 -16.70
C SER B 140 10.52 2.02 -15.64
N ILE B 141 11.71 2.57 -15.85
CA ILE B 141 12.84 2.39 -14.94
C ILE B 141 13.14 3.74 -14.31
N TYR B 142 13.08 3.79 -12.98
CA TYR B 142 13.27 5.00 -12.19
C TYR B 142 14.62 4.92 -11.48
N ASN B 143 15.37 6.01 -11.54
CA ASN B 143 16.65 6.13 -10.85
C ASN B 143 16.45 6.66 -9.45
N LEU B 144 16.97 5.93 -8.46
CA LEU B 144 16.76 6.27 -7.06
C LEU B 144 17.83 7.21 -6.49
N LYS B 145 19.01 7.25 -7.10
CA LYS B 145 20.16 8.00 -6.57
C LYS B 145 20.42 9.19 -7.49
N THR B 146 19.74 10.30 -7.24
CA THR B 146 19.91 11.52 -8.00
C THR B 146 20.30 12.66 -7.07
N ARG B 147 21.02 13.64 -7.62
CA ARG B 147 21.43 14.81 -6.85
C ARG B 147 20.25 15.72 -6.54
N GLU B 148 19.19 15.69 -7.35
CA GLU B 148 18.04 16.55 -7.11
C GLU B 148 17.25 16.11 -5.88
N GLY B 149 17.43 14.88 -5.42
CA GLY B 149 16.76 14.39 -4.24
C GLY B 149 15.42 13.74 -4.49
N ASN B 150 14.92 13.77 -5.72
CA ASN B 150 13.65 13.15 -6.07
C ASN B 150 13.87 11.99 -7.02
N VAL B 151 12.96 11.03 -6.97
CA VAL B 151 13.03 9.87 -7.86
C VAL B 151 12.44 10.25 -9.21
N ARG B 152 13.28 10.24 -10.23
CA ARG B 152 12.87 10.52 -11.60
C ARG B 152 12.91 9.24 -12.43
N VAL B 153 12.15 9.25 -13.52
CA VAL B 153 12.14 8.11 -14.43
C VAL B 153 13.39 8.17 -15.30
N SER B 154 14.18 7.09 -15.29
CA SER B 154 15.41 7.04 -16.06
C SER B 154 15.18 6.60 -17.49
N ARG B 155 14.31 5.61 -17.70
CA ARG B 155 14.08 5.09 -19.03
C ARG B 155 12.65 4.58 -19.15
N GLU B 156 12.17 4.52 -20.39
CA GLU B 156 10.85 3.94 -20.70
C GLU B 156 11.02 2.99 -21.87
N LEU B 157 11.21 1.71 -21.57
CA LEU B 157 11.38 0.69 -22.59
C LEU B 157 10.05 0.36 -23.24
N ALA B 158 9.99 0.51 -24.56
CA ALA B 158 8.79 0.23 -25.33
C ALA B 158 9.13 -0.73 -26.47
N GLY B 159 8.13 -1.46 -26.94
CA GLY B 159 8.33 -2.43 -27.99
C GLY B 159 7.50 -3.68 -27.82
N HIS B 160 7.13 -4.00 -26.58
CA HIS B 160 6.18 -5.07 -26.34
C HIS B 160 4.80 -4.66 -26.83
N THR B 161 4.10 -5.60 -27.47
CA THR B 161 2.75 -5.38 -27.96
C THR B 161 1.70 -5.96 -27.02
N GLY B 162 2.07 -6.20 -25.76
CA GLY B 162 1.14 -6.69 -24.77
C GLY B 162 1.55 -6.19 -23.40
N TYR B 163 0.67 -6.43 -22.43
CA TYR B 163 0.93 -5.99 -21.06
C TYR B 163 2.14 -6.73 -20.49
N LEU B 164 2.94 -6.01 -19.70
CA LEU B 164 4.08 -6.61 -19.03
C LEU B 164 3.63 -7.29 -17.74
N SER B 165 4.08 -8.53 -17.54
CA SER B 165 3.70 -9.29 -16.37
C SER B 165 4.85 -9.52 -15.40
N CYS B 166 6.11 -9.37 -15.83
CA CYS B 166 7.24 -9.51 -14.96
C CYS B 166 8.43 -8.79 -15.55
N CYS B 167 9.39 -8.46 -14.69
CA CYS B 167 10.63 -7.82 -15.10
C CYS B 167 11.68 -8.07 -14.03
N ARG B 168 12.90 -8.38 -14.44
CA ARG B 168 13.99 -8.68 -13.52
C ARG B 168 15.28 -8.08 -14.04
N PHE B 169 16.04 -7.47 -13.15
CA PHE B 169 17.31 -6.86 -13.49
C PHE B 169 18.43 -7.90 -13.50
N LEU B 170 19.30 -7.81 -14.51
CA LEU B 170 20.57 -8.52 -14.50
C LEU B 170 21.72 -7.64 -14.03
N ASP B 171 21.88 -6.47 -14.65
CA ASP B 171 22.84 -5.47 -14.21
C ASP B 171 22.12 -4.14 -14.05
N ASP B 172 22.86 -3.06 -13.88
CA ASP B 172 22.25 -1.74 -13.93
C ASP B 172 21.86 -1.34 -15.34
N ASN B 173 22.24 -2.11 -16.35
CA ASN B 173 21.99 -1.76 -17.75
C ASN B 173 21.23 -2.81 -18.53
N GLN B 174 20.97 -3.99 -17.95
CA GLN B 174 20.26 -5.06 -18.66
C GLN B 174 19.10 -5.55 -17.82
N ILE B 175 17.93 -5.68 -18.45
CA ILE B 175 16.72 -6.13 -17.77
C ILE B 175 15.98 -7.09 -18.70
N VAL B 176 15.40 -8.14 -18.11
CA VAL B 176 14.60 -9.11 -18.84
C VAL B 176 13.14 -8.94 -18.45
N THR B 177 12.28 -8.78 -19.44
CA THR B 177 10.85 -8.57 -19.23
C THR B 177 10.05 -9.67 -19.93
N SER B 178 8.91 -10.00 -19.35
CA SER B 178 7.95 -10.90 -19.96
C SER B 178 6.65 -10.15 -20.18
N SER B 179 6.04 -10.35 -21.35
CA SER B 179 4.86 -9.60 -21.74
C SER B 179 3.74 -10.55 -22.14
N GLY B 180 2.57 -9.98 -22.34
CA GLY B 180 1.40 -10.71 -22.78
C GLY B 180 1.32 -10.99 -24.25
N ASP B 181 2.32 -10.56 -25.02
CA ASP B 181 2.39 -10.86 -26.45
C ASP B 181 3.15 -12.16 -26.73
N THR B 182 3.18 -13.07 -25.76
CA THR B 182 3.77 -14.40 -25.88
C THR B 182 5.28 -14.37 -26.10
N THR B 183 5.95 -13.28 -25.75
CA THR B 183 7.38 -13.16 -25.95
C THR B 183 8.05 -12.59 -24.70
N CYS B 184 9.33 -12.89 -24.57
CA CYS B 184 10.19 -12.27 -23.56
C CYS B 184 11.24 -11.42 -24.25
N ALA B 185 11.83 -10.50 -23.50
CA ALA B 185 12.81 -9.58 -24.09
C ALA B 185 13.94 -9.30 -23.12
N LEU B 186 15.15 -9.26 -23.65
CA LEU B 186 16.33 -8.78 -22.95
C LEU B 186 16.70 -7.44 -23.53
N TRP B 187 16.64 -6.39 -22.71
CA TRP B 187 16.81 -5.01 -23.14
C TRP B 187 18.21 -4.51 -22.85
N ASP B 188 18.50 -3.32 -23.37
CA ASP B 188 19.68 -2.55 -23.01
C ASP B 188 19.20 -1.19 -22.55
N ILE B 189 19.28 -0.95 -21.24
CA ILE B 189 18.64 0.24 -20.66
C ILE B 189 19.28 1.51 -21.18
N GLU B 190 20.60 1.51 -21.42
CA GLU B 190 21.27 2.70 -21.91
C GLU B 190 20.75 3.09 -23.29
N THR B 191 20.72 2.15 -24.23
CA THR B 191 20.22 2.44 -25.57
C THR B 191 18.70 2.50 -25.59
N GLY B 192 18.04 1.66 -24.80
CA GLY B 192 16.60 1.67 -24.73
C GLY B 192 15.90 0.80 -25.76
N GLN B 193 16.62 -0.13 -26.40
CA GLN B 193 16.04 -1.01 -27.40
C GLN B 193 16.37 -2.45 -27.06
N GLN B 194 15.49 -3.35 -27.49
CA GLN B 194 15.68 -4.77 -27.21
C GLN B 194 16.95 -5.28 -27.87
N THR B 195 17.75 -6.01 -27.09
CA THR B 195 18.92 -6.69 -27.62
C THR B 195 18.67 -8.16 -27.91
N THR B 196 17.68 -8.77 -27.26
CA THR B 196 17.35 -10.16 -27.57
C THR B 196 15.84 -10.35 -27.39
N THR B 197 15.26 -11.16 -28.27
CA THR B 197 13.85 -11.54 -28.17
C THR B 197 13.75 -13.04 -28.03
N PHE B 198 12.92 -13.48 -27.09
CA PHE B 198 12.72 -14.90 -26.79
C PHE B 198 11.30 -15.27 -27.17
N THR B 199 11.16 -16.06 -28.23
CA THR B 199 9.86 -16.46 -28.76
C THR B 199 9.73 -17.97 -28.71
N GLY B 200 8.49 -18.44 -28.64
CA GLY B 200 8.23 -19.86 -28.56
C GLY B 200 7.02 -20.18 -27.71
N HIS B 201 6.63 -19.25 -26.84
CA HIS B 201 5.39 -19.39 -26.09
C HIS B 201 4.21 -19.07 -26.97
N THR B 202 3.11 -19.82 -26.78
CA THR B 202 1.89 -19.58 -27.52
C THR B 202 0.88 -18.73 -26.76
N GLY B 203 0.90 -18.78 -25.42
CA GLY B 203 0.09 -17.93 -24.59
C GLY B 203 0.90 -16.81 -23.95
N ASP B 204 0.20 -16.01 -23.16
CA ASP B 204 0.84 -14.90 -22.47
C ASP B 204 1.82 -15.41 -21.42
N VAL B 205 3.00 -14.79 -21.37
CA VAL B 205 4.00 -15.13 -20.37
C VAL B 205 3.66 -14.40 -19.08
N MET B 206 3.52 -15.13 -17.98
CA MET B 206 3.05 -14.53 -16.74
C MET B 206 4.15 -14.28 -15.72
N SER B 207 5.27 -14.99 -15.80
CA SER B 207 6.32 -14.83 -14.81
C SER B 207 7.64 -15.28 -15.40
N LEU B 208 8.73 -14.82 -14.77
CA LEU B 208 10.08 -15.25 -15.14
C LEU B 208 10.96 -15.21 -13.90
N SER B 209 11.93 -16.12 -13.85
CA SER B 209 12.86 -16.22 -12.74
C SER B 209 14.27 -16.34 -13.28
N LEU B 210 15.12 -15.38 -12.91
CA LEU B 210 16.52 -15.41 -13.32
C LEU B 210 17.29 -16.46 -12.53
N ALA B 211 18.24 -17.10 -13.20
CA ALA B 211 19.11 -18.05 -12.52
C ALA B 211 20.03 -17.30 -11.56
N PRO B 212 20.49 -17.97 -10.50
CA PRO B 212 21.45 -17.32 -9.58
C PRO B 212 22.72 -16.83 -10.27
N ASP B 213 23.20 -17.56 -11.29
CA ASP B 213 24.35 -17.11 -12.06
C ASP B 213 23.97 -16.12 -13.16
N THR B 214 22.68 -15.89 -13.38
CA THR B 214 22.17 -14.95 -14.38
C THR B 214 22.66 -15.28 -15.79
N ARG B 215 22.98 -16.54 -16.04
CA ARG B 215 23.29 -17.00 -17.39
C ARG B 215 22.07 -17.58 -18.10
N LEU B 216 21.06 -18.02 -17.35
CA LEU B 216 19.83 -18.57 -17.89
C LEU B 216 18.65 -17.95 -17.16
N PHE B 217 17.45 -18.23 -17.65
CA PHE B 217 16.24 -17.93 -16.89
C PHE B 217 15.13 -18.85 -17.36
N VAL B 218 14.02 -18.82 -16.63
CA VAL B 218 12.86 -19.65 -16.92
C VAL B 218 11.63 -18.75 -17.02
N SER B 219 10.76 -19.06 -17.98
CA SER B 219 9.54 -18.29 -18.17
C SER B 219 8.36 -19.25 -18.27
N GLY B 220 7.31 -18.97 -17.51
CA GLY B 220 6.07 -19.74 -17.54
C GLY B 220 4.98 -18.96 -18.23
N ALA B 221 4.19 -19.63 -19.06
CA ALA B 221 3.17 -18.96 -19.85
C ALA B 221 1.79 -19.56 -19.57
N CYS B 222 0.79 -18.99 -20.25
CA CYS B 222 -0.59 -19.43 -20.11
C CYS B 222 -0.89 -20.73 -20.83
N ASP B 223 0.03 -21.22 -21.66
CA ASP B 223 -0.14 -22.50 -22.34
C ASP B 223 0.29 -23.68 -21.48
N ALA B 224 0.36 -23.48 -20.16
CA ALA B 224 0.78 -24.52 -19.22
C ALA B 224 2.18 -25.03 -19.56
N SER B 225 3.06 -24.14 -19.98
CA SER B 225 4.41 -24.49 -20.39
C SER B 225 5.42 -23.56 -19.77
N ALA B 226 6.53 -24.14 -19.33
CA ALA B 226 7.69 -23.39 -18.87
C ALA B 226 8.84 -23.62 -19.84
N LYS B 227 9.65 -22.59 -20.06
CA LYS B 227 10.75 -22.66 -21.00
C LYS B 227 12.02 -22.13 -20.36
N LEU B 228 13.13 -22.84 -20.58
CA LEU B 228 14.44 -22.42 -20.11
C LEU B 228 15.16 -21.72 -21.25
N TRP B 229 15.53 -20.47 -21.04
CA TRP B 229 16.17 -19.63 -22.04
C TRP B 229 17.60 -19.33 -21.63
N ASP B 230 18.50 -19.37 -22.61
CA ASP B 230 19.88 -18.94 -22.42
C ASP B 230 19.97 -17.47 -22.82
N VAL B 231 20.43 -16.63 -21.88
CA VAL B 231 20.44 -15.19 -22.11
C VAL B 231 21.42 -14.81 -23.21
N ARG B 232 22.54 -15.51 -23.32
CA ARG B 232 23.60 -15.11 -24.25
C ARG B 232 23.15 -15.28 -25.70
N GLU B 233 22.89 -16.51 -26.12
CA GLU B 233 22.51 -16.74 -27.50
C GLU B 233 21.08 -16.29 -27.77
N GLY B 234 20.16 -16.60 -26.86
CA GLY B 234 18.78 -16.17 -27.00
C GLY B 234 17.87 -17.19 -27.67
N MET B 235 17.93 -18.44 -27.22
CA MET B 235 17.04 -19.47 -27.74
C MET B 235 16.65 -20.40 -26.60
N CYS B 236 15.49 -21.04 -26.76
CA CYS B 236 14.99 -21.96 -25.74
C CYS B 236 15.80 -23.25 -25.77
N ARG B 237 16.23 -23.69 -24.60
CA ARG B 237 16.99 -24.93 -24.48
C ARG B 237 16.13 -26.12 -24.06
N GLN B 238 15.22 -25.93 -23.11
CA GLN B 238 14.38 -27.01 -22.62
C GLN B 238 12.96 -26.50 -22.40
N THR B 239 12.00 -27.38 -22.61
CA THR B 239 10.59 -27.07 -22.42
C THR B 239 10.00 -28.06 -21.43
N PHE B 240 9.28 -27.54 -20.44
CA PHE B 240 8.70 -28.34 -19.38
C PHE B 240 7.19 -28.19 -19.39
N THR B 241 6.49 -29.32 -19.37
CA THR B 241 5.05 -29.37 -19.33
C THR B 241 4.61 -30.25 -18.16
N GLY B 242 3.31 -30.25 -17.90
CA GLY B 242 2.77 -31.05 -16.82
C GLY B 242 1.63 -30.35 -16.10
N HIS B 243 1.58 -29.03 -16.21
CA HIS B 243 0.47 -28.28 -15.65
C HIS B 243 -0.75 -28.39 -16.56
N GLU B 244 -1.92 -28.19 -15.97
CA GLU B 244 -3.18 -28.29 -16.68
C GLU B 244 -3.91 -26.94 -16.78
N SER B 245 -3.23 -25.85 -16.46
CA SER B 245 -3.82 -24.52 -16.56
C SER B 245 -2.68 -23.51 -16.67
N ASP B 246 -3.03 -22.22 -16.62
CA ASP B 246 -2.04 -21.17 -16.77
C ASP B 246 -1.04 -21.18 -15.62
N ILE B 247 0.23 -20.96 -15.95
CA ILE B 247 1.28 -20.86 -14.96
C ILE B 247 1.40 -19.40 -14.53
N ASN B 248 1.20 -19.14 -13.24
CA ASN B 248 1.19 -17.77 -12.72
C ASN B 248 2.50 -17.37 -12.07
N ALA B 249 3.23 -18.31 -11.47
CA ALA B 249 4.46 -17.99 -10.76
C ALA B 249 5.52 -19.03 -11.05
N ILE B 250 6.77 -18.60 -10.99
CA ILE B 250 7.91 -19.49 -11.23
C ILE B 250 9.11 -18.95 -10.45
N CYS B 251 9.91 -19.86 -9.91
CA CYS B 251 11.04 -19.47 -9.08
C CYS B 251 12.15 -20.51 -9.21
N PHE B 252 13.39 -20.05 -9.20
CA PHE B 252 14.55 -20.91 -9.33
C PHE B 252 14.96 -21.50 -7.98
N PHE B 253 15.48 -22.72 -8.02
CA PHE B 253 16.11 -23.30 -6.85
C PHE B 253 17.39 -22.54 -6.54
N PRO B 254 17.82 -22.52 -5.27
CA PRO B 254 19.01 -21.73 -4.91
C PRO B 254 20.27 -22.12 -5.69
N ASN B 255 20.45 -23.39 -6.03
CA ASN B 255 21.65 -23.79 -6.76
C ASN B 255 21.51 -23.64 -8.27
N GLY B 256 20.32 -23.28 -8.77
CA GLY B 256 20.12 -23.09 -10.19
C GLY B 256 19.97 -24.35 -11.00
N ASN B 257 19.85 -25.51 -10.37
CA ASN B 257 19.67 -26.78 -11.07
C ASN B 257 18.22 -27.25 -11.07
N ALA B 258 17.30 -26.43 -10.58
CA ALA B 258 15.89 -26.80 -10.54
C ALA B 258 15.07 -25.53 -10.41
N PHE B 259 13.76 -25.67 -10.58
CA PHE B 259 12.84 -24.56 -10.39
C PHE B 259 11.46 -25.09 -10.06
N ALA B 260 10.60 -24.20 -9.57
CA ALA B 260 9.25 -24.54 -9.17
C ALA B 260 8.26 -23.60 -9.83
N THR B 261 7.13 -24.14 -10.25
CA THR B 261 6.08 -23.39 -10.91
C THR B 261 4.77 -23.55 -10.14
N GLY B 262 3.98 -22.50 -10.09
CA GLY B 262 2.63 -22.54 -9.55
C GLY B 262 1.64 -22.17 -10.65
N SER B 263 0.49 -22.85 -10.63
CA SER B 263 -0.48 -22.70 -11.70
C SER B 263 -1.87 -22.52 -11.11
N ASP B 264 -2.84 -22.28 -11.99
CA ASP B 264 -4.23 -22.10 -11.60
C ASP B 264 -4.93 -23.41 -11.23
N ASP B 265 -4.31 -24.55 -11.49
CA ASP B 265 -4.88 -25.83 -11.14
C ASP B 265 -4.58 -26.25 -9.70
N ALA B 266 -4.23 -25.28 -8.85
CA ALA B 266 -4.02 -25.51 -7.41
C ALA B 266 -2.90 -26.52 -7.15
N THR B 267 -1.87 -26.50 -8.00
CA THR B 267 -0.73 -27.38 -7.83
C THR B 267 0.56 -26.60 -8.03
N CYS B 268 1.60 -27.03 -7.33
CA CYS B 268 2.96 -26.58 -7.58
C CYS B 268 3.78 -27.75 -8.11
N ARG B 269 4.75 -27.46 -8.95
CA ARG B 269 5.55 -28.51 -9.56
C ARG B 269 7.02 -28.15 -9.55
N LEU B 270 7.86 -29.14 -9.29
CA LEU B 270 9.31 -28.96 -9.26
C LEU B 270 9.91 -29.66 -10.48
N PHE B 271 10.67 -28.91 -11.28
CA PHE B 271 11.33 -29.42 -12.46
C PHE B 271 12.84 -29.30 -12.30
N ASP B 272 13.56 -30.30 -12.78
CA ASP B 272 15.02 -30.35 -12.71
C ASP B 272 15.60 -30.14 -14.11
N LEU B 273 16.56 -29.23 -14.22
CA LEU B 273 17.14 -28.91 -15.52
C LEU B 273 17.93 -30.09 -16.08
N ARG B 274 18.74 -30.74 -15.24
CA ARG B 274 19.57 -31.83 -15.72
C ARG B 274 18.75 -33.09 -15.98
N ALA B 275 17.77 -33.38 -15.13
CA ALA B 275 16.88 -34.50 -15.39
C ALA B 275 15.86 -34.20 -16.47
N ASP B 276 15.59 -32.92 -16.74
CA ASP B 276 14.69 -32.49 -17.81
C ASP B 276 13.30 -33.08 -17.66
N GLN B 277 12.82 -33.16 -16.42
CA GLN B 277 11.49 -33.70 -16.16
C GLN B 277 11.04 -33.29 -14.77
N GLU B 278 9.76 -33.53 -14.49
CA GLU B 278 9.18 -33.21 -13.20
C GLU B 278 9.72 -34.13 -12.11
N LEU B 279 9.87 -33.58 -10.92
CA LEU B 279 10.34 -34.34 -9.76
C LEU B 279 9.28 -34.51 -8.68
N MET B 280 8.61 -33.42 -8.30
CA MET B 280 7.64 -33.46 -7.22
C MET B 280 6.46 -32.57 -7.55
N THR B 281 5.29 -32.95 -7.06
CA THR B 281 4.07 -32.16 -7.17
C THR B 281 3.54 -31.88 -5.76
N TYR B 282 3.32 -30.60 -5.48
CA TYR B 282 2.82 -30.13 -4.19
C TYR B 282 1.38 -29.72 -4.37
N SER B 283 0.46 -30.53 -3.85
CA SER B 283 -0.96 -30.25 -3.96
C SER B 283 -1.70 -30.92 -2.80
N HIS B 284 -2.90 -30.44 -2.53
CA HIS B 284 -3.74 -30.99 -1.49
C HIS B 284 -5.19 -31.02 -1.97
N ASP B 285 -5.94 -31.99 -1.44
CA ASP B 285 -7.34 -32.11 -1.82
C ASP B 285 -8.15 -30.89 -1.38
N ASN B 286 -7.81 -30.34 -0.22
CA ASN B 286 -8.53 -29.17 0.28
C ASN B 286 -8.35 -27.97 -0.64
N ILE B 287 -7.14 -27.78 -1.16
CA ILE B 287 -6.83 -26.62 -1.99
C ILE B 287 -7.38 -26.84 -3.39
N ILE B 288 -8.23 -25.93 -3.85
CA ILE B 288 -8.79 -26.00 -5.19
C ILE B 288 -8.63 -24.64 -5.87
N CYS B 289 -7.76 -23.80 -5.31
CA CYS B 289 -7.57 -22.43 -5.78
C CYS B 289 -6.16 -22.27 -6.33
N GLY B 290 -6.03 -21.40 -7.33
CA GLY B 290 -4.77 -21.26 -8.03
C GLY B 290 -3.70 -20.58 -7.20
N ILE B 291 -2.45 -20.79 -7.62
CA ILE B 291 -1.29 -20.19 -6.97
C ILE B 291 -0.96 -18.89 -7.68
N THR B 292 -0.80 -17.81 -6.92
CA THR B 292 -0.47 -16.51 -7.48
C THR B 292 1.01 -16.17 -7.35
N SER B 293 1.72 -16.77 -6.39
CA SER B 293 3.13 -16.46 -6.17
C SER B 293 3.81 -17.69 -5.58
N VAL B 294 5.13 -17.77 -5.80
CA VAL B 294 5.91 -18.90 -5.32
C VAL B 294 7.34 -18.40 -5.07
N SER B 295 7.99 -18.98 -4.07
CA SER B 295 9.36 -18.61 -3.73
C SER B 295 9.99 -19.73 -2.93
N PHE B 296 11.32 -19.69 -2.84
CA PHE B 296 12.11 -20.69 -2.14
C PHE B 296 12.83 -20.06 -0.95
N SER B 297 13.07 -20.88 0.06
CA SER B 297 13.89 -20.46 1.19
C SER B 297 15.36 -20.40 0.78
N LYS B 298 16.20 -19.88 1.68
CA LYS B 298 17.62 -19.76 1.37
C LYS B 298 18.25 -21.13 1.17
N SER B 299 17.90 -22.10 2.01
CA SER B 299 18.42 -23.45 1.85
C SER B 299 17.72 -24.23 0.76
N GLY B 300 16.57 -23.77 0.29
CA GLY B 300 15.77 -24.51 -0.67
C GLY B 300 14.90 -25.59 -0.09
N ARG B 301 14.92 -25.79 1.23
CA ARG B 301 14.11 -26.82 1.85
C ARG B 301 12.64 -26.44 1.90
N LEU B 302 12.34 -25.15 1.98
CA LEU B 302 10.99 -24.65 2.11
C LEU B 302 10.54 -24.00 0.81
N LEU B 303 9.33 -24.34 0.36
CA LEU B 303 8.71 -23.71 -0.80
C LEU B 303 7.53 -22.90 -0.30
N LEU B 304 7.60 -21.58 -0.47
CA LEU B 304 6.53 -20.68 -0.07
C LEU B 304 5.60 -20.46 -1.26
N ALA B 305 4.32 -20.77 -1.10
CA ALA B 305 3.35 -20.64 -2.18
C ALA B 305 2.19 -19.78 -1.71
N GLY B 306 1.95 -18.67 -2.40
CA GLY B 306 0.82 -17.81 -2.10
C GLY B 306 -0.38 -18.20 -2.94
N TYR B 307 -1.54 -18.30 -2.28
CA TYR B 307 -2.78 -18.67 -2.93
C TYR B 307 -3.76 -17.50 -2.90
N ASP B 308 -4.86 -17.66 -3.62
CA ASP B 308 -5.92 -16.66 -3.62
C ASP B 308 -7.06 -16.99 -2.66
N ASP B 309 -6.89 -18.04 -1.83
CA ASP B 309 -7.81 -18.31 -0.75
C ASP B 309 -7.44 -17.56 0.53
N PHE B 310 -6.70 -16.46 0.40
CA PHE B 310 -6.38 -15.47 1.43
C PHE B 310 -5.24 -15.91 2.36
N ASN B 311 -4.50 -16.97 2.04
CA ASN B 311 -3.40 -17.38 2.88
C ASN B 311 -2.32 -18.06 2.05
N CYS B 312 -1.12 -18.15 2.64
CA CYS B 312 0.02 -18.78 2.00
C CYS B 312 0.34 -20.10 2.70
N ASN B 313 1.03 -20.98 1.98
CA ASN B 313 1.41 -22.28 2.49
C ASN B 313 2.91 -22.48 2.37
N VAL B 314 3.45 -23.28 3.29
CA VAL B 314 4.86 -23.65 3.31
C VAL B 314 4.95 -25.15 3.06
N TRP B 315 5.75 -25.53 2.06
CA TRP B 315 5.88 -26.92 1.65
C TRP B 315 7.29 -27.40 1.93
N ASP B 316 7.40 -28.64 2.42
CA ASP B 316 8.69 -29.30 2.51
C ASP B 316 9.05 -29.73 1.10
N ALA B 317 9.97 -29.00 0.47
CA ALA B 317 10.27 -29.19 -0.94
C ALA B 317 10.85 -30.57 -1.24
N LEU B 318 11.34 -31.28 -0.23
CA LEU B 318 11.89 -32.62 -0.42
C LEU B 318 10.91 -33.73 -0.06
N LYS B 319 9.83 -33.42 0.67
CA LYS B 319 8.86 -34.42 1.05
C LYS B 319 7.43 -34.10 0.60
N ALA B 320 7.20 -32.92 0.01
CA ALA B 320 5.87 -32.51 -0.45
C ALA B 320 4.84 -32.56 0.67
N ASP B 321 5.23 -32.10 1.85
CA ASP B 321 4.35 -32.05 3.01
C ASP B 321 4.21 -30.61 3.45
N ARG B 322 2.97 -30.19 3.72
CA ARG B 322 2.72 -28.82 4.15
C ARG B 322 3.25 -28.63 5.58
N ALA B 323 4.25 -27.77 5.73
CA ALA B 323 4.90 -27.56 7.01
C ALA B 323 4.35 -26.36 7.78
N GLY B 324 3.40 -25.62 7.22
CA GLY B 324 2.84 -24.49 7.93
C GLY B 324 2.01 -23.62 7.02
N VAL B 325 1.23 -22.74 7.64
CA VAL B 325 0.34 -21.82 6.93
C VAL B 325 0.60 -20.41 7.42
N LEU B 326 0.79 -19.48 6.48
CA LEU B 326 0.91 -18.07 6.78
C LEU B 326 -0.45 -17.43 6.53
N ALA B 327 -1.18 -17.18 7.61
CA ALA B 327 -2.51 -16.58 7.54
C ALA B 327 -2.51 -15.23 8.24
N GLY B 328 -3.40 -14.34 7.78
CA GLY B 328 -3.44 -13.00 8.30
C GLY B 328 -3.78 -11.98 7.24
N HIS B 329 -3.94 -12.43 6.00
CA HIS B 329 -4.42 -11.58 4.92
C HIS B 329 -5.91 -11.84 4.70
N ASP B 330 -6.67 -10.76 4.52
CA ASP B 330 -8.11 -10.86 4.35
C ASP B 330 -8.53 -10.77 2.88
N ASN B 331 -7.59 -10.87 1.96
CA ASN B 331 -7.91 -10.87 0.54
C ASN B 331 -6.87 -11.72 -0.19
N ARG B 332 -6.96 -11.74 -1.51
CA ARG B 332 -6.08 -12.57 -2.32
C ARG B 332 -4.63 -12.15 -2.16
N VAL B 333 -3.76 -13.15 -1.95
CA VAL B 333 -2.32 -12.90 -1.86
C VAL B 333 -1.76 -12.83 -3.28
N SER B 334 -1.13 -11.70 -3.61
CA SER B 334 -0.66 -11.45 -4.97
C SER B 334 0.83 -11.69 -5.14
N CYS B 335 1.66 -11.19 -4.22
CA CYS B 335 3.10 -11.27 -4.33
C CYS B 335 3.68 -11.89 -3.07
N LEU B 336 4.84 -12.55 -3.21
CA LEU B 336 5.46 -13.25 -2.09
C LEU B 336 6.93 -13.44 -2.40
N GLY B 337 7.81 -12.96 -1.51
CA GLY B 337 9.23 -13.03 -1.74
C GLY B 337 9.99 -13.32 -0.46
N VAL B 338 11.24 -13.74 -0.62
CA VAL B 338 12.10 -14.11 0.49
C VAL B 338 13.40 -13.32 0.36
N THR B 339 13.91 -12.84 1.50
CA THR B 339 15.13 -12.06 1.50
C THR B 339 16.33 -12.90 1.06
N ASP B 340 17.38 -12.22 0.59
CA ASP B 340 18.57 -12.92 0.11
C ASP B 340 19.29 -13.64 1.23
N ASP B 341 19.22 -13.14 2.46
CA ASP B 341 19.79 -13.83 3.60
C ASP B 341 18.81 -14.79 4.26
N GLY B 342 17.58 -14.88 3.75
CA GLY B 342 16.62 -15.83 4.27
C GLY B 342 16.06 -15.50 5.62
N MET B 343 16.15 -14.24 6.05
CA MET B 343 15.66 -13.88 7.38
C MET B 343 14.14 -13.84 7.43
N ALA B 344 13.50 -13.27 6.41
CA ALA B 344 12.07 -12.99 6.48
C ALA B 344 11.42 -13.21 5.12
N VAL B 345 10.10 -13.33 5.15
CA VAL B 345 9.27 -13.50 3.96
C VAL B 345 8.28 -12.35 3.91
N ALA B 346 8.24 -11.64 2.78
CA ALA B 346 7.29 -10.56 2.58
C ALA B 346 6.16 -11.02 1.69
N THR B 347 4.93 -10.88 2.15
CA THR B 347 3.75 -11.28 1.41
C THR B 347 2.83 -10.09 1.25
N GLY B 348 2.53 -9.72 0.00
CA GLY B 348 1.54 -8.71 -0.29
C GLY B 348 0.19 -9.34 -0.61
N SER B 349 -0.83 -8.49 -0.65
CA SER B 349 -2.19 -8.98 -0.87
C SER B 349 -3.02 -7.86 -1.49
N TRP B 350 -4.26 -8.20 -1.82
CA TRP B 350 -5.21 -7.25 -2.38
C TRP B 350 -5.91 -6.40 -1.32
N ASP B 351 -5.64 -6.64 -0.04
CA ASP B 351 -6.17 -5.81 1.03
C ASP B 351 -5.27 -4.60 1.30
N SER B 352 -4.34 -4.30 0.40
CA SER B 352 -3.44 -3.16 0.45
C SER B 352 -2.43 -3.24 1.59
N PHE B 353 -2.30 -4.38 2.24
CA PHE B 353 -1.33 -4.58 3.32
C PHE B 353 -0.33 -5.64 2.89
N LEU B 354 0.95 -5.36 3.07
CA LEU B 354 2.01 -6.34 2.87
C LEU B 354 2.69 -6.58 4.20
N LYS B 355 2.83 -7.85 4.56
CA LYS B 355 3.32 -8.25 5.88
C LYS B 355 4.67 -8.95 5.75
N ILE B 356 5.40 -8.95 6.87
CA ILE B 356 6.73 -9.55 6.96
C ILE B 356 6.67 -10.63 8.02
N TRP B 357 7.17 -11.81 7.69
CA TRP B 357 7.07 -12.99 8.53
C TRP B 357 8.47 -13.53 8.82
N ASN B 358 8.67 -13.99 10.06
CA ASN B 358 9.94 -14.55 10.47
C ASN B 358 9.73 -15.80 11.31
N ILE C 9 3.68 -22.42 -43.13
CA ILE C 9 4.47 -23.60 -43.48
C ILE C 9 5.82 -23.56 -42.78
N ALA C 10 6.45 -22.39 -42.76
CA ALA C 10 7.73 -22.24 -42.07
C ALA C 10 7.62 -22.44 -40.57
N GLN C 11 6.42 -22.24 -40.01
CA GLN C 11 6.23 -22.46 -38.58
C GLN C 11 6.48 -23.92 -38.20
N ALA C 12 6.02 -24.85 -39.03
CA ALA C 12 6.26 -26.26 -38.77
C ALA C 12 7.75 -26.59 -38.86
N ARG C 13 8.46 -26.00 -39.83
CA ARG C 13 9.89 -26.22 -39.93
C ARG C 13 10.62 -25.68 -38.70
N LYS C 14 10.23 -24.49 -38.23
CA LYS C 14 10.84 -23.94 -37.02
C LYS C 14 10.55 -24.84 -35.82
N LEU C 15 9.33 -25.35 -35.72
CA LEU C 15 8.96 -26.21 -34.60
C LEU C 15 9.76 -27.50 -34.61
N VAL C 16 9.91 -28.13 -35.79
CA VAL C 16 10.68 -29.37 -35.83
C VAL C 16 12.16 -29.10 -35.59
N GLU C 17 12.68 -27.96 -36.04
CA GLU C 17 14.06 -27.61 -35.72
C GLU C 17 14.24 -27.44 -34.21
N GLN C 18 13.30 -26.76 -33.56
CA GLN C 18 13.37 -26.60 -32.11
C GLN C 18 13.28 -27.93 -31.39
N LEU C 19 12.41 -28.82 -31.86
CA LEU C 19 12.28 -30.14 -31.23
C LEU C 19 13.56 -30.95 -31.40
N LYS C 20 14.18 -30.88 -32.58
CA LYS C 20 15.46 -31.57 -32.77
C LYS C 20 16.54 -30.99 -31.88
N MET C 21 16.53 -29.66 -31.69
CA MET C 21 17.51 -29.04 -30.81
C MET C 21 17.31 -29.48 -29.37
N GLU C 22 16.05 -29.58 -28.92
CA GLU C 22 15.76 -29.99 -27.55
C GLU C 22 15.87 -31.49 -27.35
N ALA C 23 15.93 -32.29 -28.41
CA ALA C 23 16.04 -33.73 -28.28
C ALA C 23 17.48 -34.21 -28.16
N ASN C 24 18.46 -33.33 -28.34
CA ASN C 24 19.87 -33.70 -28.25
C ASN C 24 20.46 -33.46 -26.87
N ILE C 25 19.66 -33.00 -25.91
CA ILE C 25 20.16 -32.72 -24.57
C ILE C 25 20.47 -34.03 -23.86
N ASP C 26 21.67 -34.12 -23.30
CA ASP C 26 22.05 -35.27 -22.50
C ASP C 26 21.41 -35.17 -21.12
N ARG C 27 20.75 -36.25 -20.70
CA ARG C 27 19.96 -36.25 -19.47
C ARG C 27 20.56 -37.24 -18.48
N ILE C 28 20.80 -36.77 -17.26
CA ILE C 28 21.25 -37.64 -16.18
C ILE C 28 20.02 -38.31 -15.56
N LYS C 29 20.26 -39.31 -14.71
CA LYS C 29 19.16 -40.01 -14.07
C LYS C 29 18.45 -39.09 -13.07
N VAL C 30 17.19 -39.43 -12.79
CA VAL C 30 16.45 -38.68 -11.78
C VAL C 30 17.07 -38.87 -10.40
N SER C 31 17.60 -40.06 -10.14
CA SER C 31 18.17 -40.34 -8.82
C SER C 31 19.36 -39.43 -8.53
N LYS C 32 20.23 -39.21 -9.52
CA LYS C 32 21.39 -38.36 -9.31
C LYS C 32 20.99 -36.91 -9.03
N ALA C 33 20.03 -36.40 -9.80
CA ALA C 33 19.58 -35.02 -9.60
C ALA C 33 18.89 -34.85 -8.25
N ALA C 34 18.06 -35.82 -7.86
CA ALA C 34 17.42 -35.77 -6.55
C ALA C 34 18.45 -35.83 -5.43
N ALA C 35 19.47 -36.68 -5.59
CA ALA C 35 20.53 -36.75 -4.59
C ALA C 35 21.29 -35.44 -4.49
N ASP C 36 21.56 -34.79 -5.63
CA ASP C 36 22.23 -33.50 -5.60
C ASP C 36 21.40 -32.44 -4.90
N LEU C 37 20.09 -32.41 -5.18
CA LEU C 37 19.21 -31.44 -4.51
C LEU C 37 19.17 -31.70 -3.00
N MET C 38 19.08 -32.98 -2.61
CA MET C 38 19.07 -33.31 -1.19
C MET C 38 20.38 -32.92 -0.52
N ALA C 39 21.51 -33.16 -1.20
CA ALA C 39 22.80 -32.77 -0.64
C ALA C 39 22.91 -31.27 -0.48
N TYR C 40 22.43 -30.50 -1.47
CA TYR C 40 22.45 -29.05 -1.33
C TYR C 40 21.58 -28.59 -0.18
N CYS C 41 20.40 -29.20 -0.01
CA CYS C 41 19.53 -28.83 1.10
C CYS C 41 20.19 -29.15 2.44
N GLU C 42 20.85 -30.31 2.55
CA GLU C 42 21.49 -30.69 3.80
C GLU C 42 22.68 -29.80 4.12
N ALA C 43 23.46 -29.42 3.10
CA ALA C 43 24.66 -28.63 3.33
C ALA C 43 24.36 -27.23 3.83
N HIS C 44 23.13 -26.73 3.64
CA HIS C 44 22.77 -25.37 4.03
C HIS C 44 21.63 -25.35 5.05
N ALA C 45 21.44 -26.43 5.80
CA ALA C 45 20.38 -26.45 6.81
C ALA C 45 20.65 -25.45 7.92
N LYS C 46 21.90 -25.32 8.35
CA LYS C 46 22.24 -24.43 9.44
C LYS C 46 22.24 -22.96 9.04
N GLU C 47 22.23 -22.67 7.74
CA GLU C 47 22.28 -21.30 7.23
C GLU C 47 20.91 -20.75 6.86
N ASP C 48 19.83 -21.45 7.24
CA ASP C 48 18.48 -21.04 6.86
C ASP C 48 17.75 -20.49 8.08
N PRO C 49 17.60 -19.16 8.20
CA PRO C 49 16.89 -18.61 9.36
C PRO C 49 15.42 -19.01 9.45
N LEU C 50 14.80 -19.39 8.34
CA LEU C 50 13.40 -19.78 8.35
C LEU C 50 13.19 -21.24 8.74
N LEU C 51 14.11 -22.12 8.34
CA LEU C 51 13.96 -23.53 8.67
C LEU C 51 14.06 -23.77 10.18
N THR C 52 14.99 -23.09 10.84
CA THR C 52 15.17 -23.18 12.27
C THR C 52 15.02 -21.81 12.91
N PRO C 53 14.23 -21.68 13.98
CA PRO C 53 14.03 -20.36 14.59
C PRO C 53 15.35 -19.77 15.07
N VAL C 54 15.47 -18.46 14.89
CA VAL C 54 16.68 -17.72 15.27
C VAL C 54 16.42 -17.04 16.61
N PRO C 55 17.39 -17.00 17.52
CA PRO C 55 17.19 -16.27 18.78
C PRO C 55 16.90 -14.80 18.53
N ALA C 56 16.09 -14.22 19.41
CA ALA C 56 15.63 -12.85 19.22
C ALA C 56 16.77 -11.84 19.21
N SER C 57 17.92 -12.18 19.80
CA SER C 57 19.06 -11.27 19.75
C SER C 57 19.54 -11.05 18.32
N GLU C 58 19.61 -12.12 17.53
CA GLU C 58 20.08 -12.04 16.16
C GLU C 58 18.96 -11.77 15.16
N ASN C 59 17.71 -11.73 15.60
CA ASN C 59 16.59 -11.49 14.69
C ASN C 59 16.49 -10.00 14.38
N PRO C 60 16.64 -9.58 13.12
CA PRO C 60 16.51 -8.16 12.82
C PRO C 60 15.12 -7.62 13.06
N PHE C 61 14.08 -8.43 12.83
CA PHE C 61 12.70 -7.99 13.00
C PHE C 61 12.17 -8.31 14.39
N ARG C 62 12.93 -7.92 15.42
CA ARG C 62 12.60 -8.21 16.82
C ARG C 62 12.19 -9.66 17.03
N ASP D 1 24.37 21.78 -11.18
CA ASP D 1 22.95 22.13 -11.24
C ASP D 1 22.44 22.55 -9.87
N VAL D 2 22.76 21.77 -8.85
CA VAL D 2 22.35 22.09 -7.49
C VAL D 2 23.11 23.33 -7.02
N GLN D 3 22.36 24.33 -6.55
CA GLN D 3 22.96 25.61 -6.18
C GLN D 3 22.24 26.16 -4.96
N LEU D 4 23.01 26.65 -4.00
CA LEU D 4 22.50 27.33 -2.81
C LEU D 4 23.21 28.67 -2.71
N VAL D 5 22.53 29.73 -3.11
CA VAL D 5 23.08 31.07 -3.06
C VAL D 5 22.63 31.71 -1.75
N GLU D 6 23.41 32.68 -1.26
CA GLU D 6 23.10 33.32 0.01
C GLU D 6 23.19 34.83 -0.12
N SER D 7 22.28 35.52 0.55
CA SER D 7 22.20 36.97 0.53
C SER D 7 22.01 37.49 1.95
N GLY D 8 22.44 38.74 2.14
CA GLY D 8 22.43 39.35 3.46
C GLY D 8 23.83 39.60 3.97
N GLY D 9 24.00 39.59 5.28
CA GLY D 9 25.32 39.80 5.83
C GLY D 9 25.75 41.26 5.74
N GLY D 10 27.01 41.47 6.08
CA GLY D 10 27.60 42.80 6.09
C GLY D 10 27.84 43.30 7.50
N LEU D 11 27.93 44.63 7.60
CA LEU D 11 28.18 45.28 8.88
C LEU D 11 26.88 45.44 9.64
N VAL D 12 26.87 45.00 10.90
CA VAL D 12 25.70 45.12 11.77
C VAL D 12 26.15 45.69 13.10
N GLN D 13 25.42 46.70 13.58
CA GLN D 13 25.69 47.25 14.91
C GLN D 13 25.29 46.24 15.97
N PRO D 14 25.97 46.23 17.12
CA PRO D 14 25.61 45.31 18.19
C PRO D 14 24.18 45.55 18.65
N GLY D 15 23.48 44.45 18.96
CA GLY D 15 22.10 44.53 19.38
C GLY D 15 21.10 44.73 18.26
N GLY D 16 21.54 44.76 17.01
CA GLY D 16 20.66 44.97 15.89
C GLY D 16 19.99 43.69 15.43
N SER D 17 19.39 43.77 14.25
CA SER D 17 18.70 42.64 13.64
C SER D 17 19.14 42.51 12.19
N ARG D 18 19.13 41.27 11.70
CA ARG D 18 19.56 40.98 10.34
C ARG D 18 18.92 39.68 9.88
N LYS D 19 18.52 39.64 8.61
CA LYS D 19 17.88 38.46 8.03
C LYS D 19 18.75 37.93 6.90
N LEU D 20 19.28 36.72 7.08
CA LEU D 20 20.04 36.05 6.04
C LEU D 20 19.12 35.16 5.22
N SER D 21 19.32 35.16 3.91
CA SER D 21 18.48 34.41 2.99
C SER D 21 19.32 33.41 2.21
N CYS D 22 18.74 32.24 1.95
CA CYS D 22 19.39 31.17 1.19
C CYS D 22 18.42 30.73 0.10
N SER D 23 18.78 30.99 -1.16
CA SER D 23 17.95 30.65 -2.30
C SER D 23 18.46 29.36 -2.91
N ALA D 24 17.57 28.38 -3.06
CA ALA D 24 17.90 27.07 -3.59
C ALA D 24 17.47 26.97 -5.05
N SER D 25 18.23 26.19 -5.82
CA SER D 25 17.86 25.93 -7.20
C SER D 25 18.47 24.60 -7.63
N GLY D 26 17.78 23.92 -8.54
CA GLY D 26 18.27 22.68 -9.11
C GLY D 26 17.99 21.43 -8.32
N PHE D 27 17.19 21.51 -7.24
CA PHE D 27 16.83 20.33 -6.49
C PHE D 27 15.52 20.57 -5.77
N ALA D 28 14.92 19.49 -5.29
CA ALA D 28 13.63 19.55 -4.61
C ALA D 28 13.79 20.11 -3.20
N PHE D 29 13.74 21.44 -3.08
CA PHE D 29 14.02 22.09 -1.80
C PHE D 29 13.03 21.70 -0.73
N SER D 30 11.82 21.30 -1.11
CA SER D 30 10.79 20.99 -0.12
C SER D 30 11.09 19.72 0.65
N SER D 31 11.83 18.78 0.05
CA SER D 31 12.08 17.49 0.66
C SER D 31 13.40 17.43 1.42
N PHE D 32 14.15 18.52 1.48
CA PHE D 32 15.44 18.55 2.16
C PHE D 32 15.32 19.35 3.46
N GLY D 33 15.79 18.75 4.55
CA GLY D 33 16.02 19.52 5.76
C GLY D 33 17.18 20.48 5.55
N MET D 34 17.16 21.58 6.29
CA MET D 34 18.14 22.63 6.09
C MET D 34 18.83 22.97 7.41
N HIS D 35 20.10 23.32 7.32
CA HIS D 35 20.88 23.72 8.48
C HIS D 35 21.57 25.04 8.19
N TRP D 36 21.75 25.83 9.23
CA TRP D 36 22.64 26.98 9.21
C TRP D 36 23.84 26.64 10.06
N VAL D 37 25.03 26.76 9.48
CA VAL D 37 26.28 26.48 10.16
C VAL D 37 27.21 27.66 9.94
N ARG D 38 27.79 28.18 11.02
CA ARG D 38 28.67 29.34 10.92
C ARG D 38 30.10 28.97 11.27
N GLN D 39 31.04 29.65 10.62
CA GLN D 39 32.46 29.49 10.89
C GLN D 39 33.02 30.85 11.29
N ALA D 40 33.70 30.88 12.43
CA ALA D 40 34.32 32.12 12.89
C ALA D 40 35.45 32.51 11.96
N PRO D 41 35.82 33.80 11.93
CA PRO D 41 36.86 34.24 10.99
C PRO D 41 38.17 33.51 11.12
N GLU D 42 38.52 33.02 12.31
CA GLU D 42 39.77 32.29 12.49
C GLU D 42 39.57 31.05 13.37
N LYS D 43 38.41 30.42 13.29
CA LYS D 43 38.13 29.22 14.09
C LYS D 43 37.42 28.21 13.20
N GLY D 44 36.91 27.16 13.84
CA GLY D 44 36.29 26.05 13.14
C GLY D 44 34.82 26.30 12.83
N LEU D 45 34.13 25.20 12.50
CA LEU D 45 32.73 25.26 12.13
C LEU D 45 31.83 25.13 13.35
N GLU D 46 30.79 25.94 13.40
CA GLU D 46 29.83 25.95 14.51
C GLU D 46 28.44 25.76 13.94
N TRP D 47 27.74 24.72 14.40
CA TRP D 47 26.38 24.48 13.96
C TRP D 47 25.44 25.48 14.64
N VAL D 48 24.61 26.15 13.85
CA VAL D 48 23.73 27.18 14.37
C VAL D 48 22.32 26.66 14.55
N ALA D 49 21.70 26.20 13.46
CA ALA D 49 20.28 25.90 13.53
C ALA D 49 19.90 24.84 12.50
N TYR D 50 18.72 24.26 12.69
CA TYR D 50 18.20 23.22 11.80
C TYR D 50 16.69 23.32 11.70
N ILE D 51 16.17 23.28 10.48
CA ILE D 51 14.73 23.23 10.23
C ILE D 51 14.44 22.00 9.38
N SER D 52 13.43 21.23 9.77
CA SER D 52 13.12 19.98 9.11
C SER D 52 12.42 20.24 7.77
N SER D 53 12.04 19.14 7.11
CA SER D 53 11.27 19.23 5.88
C SER D 53 9.80 19.41 6.22
N GLY D 54 9.21 20.49 5.72
CA GLY D 54 7.86 20.84 6.11
C GLY D 54 7.74 21.65 7.38
N SER D 55 8.86 22.10 7.94
CA SER D 55 8.90 22.95 9.14
C SER D 55 8.33 22.25 10.36
N GLY D 56 8.32 20.93 10.38
CA GLY D 56 7.76 20.20 11.51
C GLY D 56 8.68 20.03 12.70
N THR D 57 9.96 20.38 12.55
CA THR D 57 10.93 20.23 13.63
C THR D 57 12.01 21.29 13.47
N ILE D 58 12.32 21.98 14.57
CA ILE D 58 13.31 23.05 14.56
C ILE D 58 14.21 22.88 15.77
N TYR D 59 15.52 23.02 15.56
CA TYR D 59 16.50 22.98 16.63
C TYR D 59 17.44 24.17 16.51
N TYR D 60 17.89 24.66 17.66
CA TYR D 60 18.87 25.75 17.72
C TYR D 60 19.99 25.36 18.67
N ALA D 61 21.16 25.96 18.45
CA ALA D 61 22.24 25.87 19.42
C ALA D 61 21.92 26.76 20.62
N ASP D 62 22.38 26.33 21.80
CA ASP D 62 22.12 27.10 23.02
C ASP D 62 22.77 28.48 22.98
N THR D 63 23.78 28.67 22.14
CA THR D 63 24.41 29.98 22.02
C THR D 63 23.47 30.99 21.37
N VAL D 64 22.63 30.55 20.44
CA VAL D 64 21.78 31.44 19.66
C VAL D 64 20.31 31.24 19.95
N LYS D 65 19.95 30.30 20.83
CA LYS D 65 18.54 30.03 21.10
C LYS D 65 17.88 31.25 21.74
N GLY D 66 16.70 31.59 21.26
CA GLY D 66 15.99 32.75 21.76
C GLY D 66 16.22 33.98 20.91
N ARG D 67 17.43 34.12 20.37
CA ARG D 67 17.78 35.26 19.54
C ARG D 67 17.67 34.99 18.05
N PHE D 68 17.74 33.74 17.64
CA PHE D 68 17.69 33.36 16.23
C PHE D 68 16.40 32.61 15.94
N THR D 69 15.84 32.85 14.75
CA THR D 69 14.65 32.15 14.29
C THR D 69 14.88 31.69 12.85
N ILE D 70 14.68 30.40 12.60
CA ILE D 70 14.90 29.81 11.29
C ILE D 70 13.54 29.50 10.68
N SER D 71 13.43 29.71 9.36
CA SER D 71 12.17 29.49 8.67
C SER D 71 12.45 29.13 7.22
N ARG D 72 11.44 28.58 6.55
CA ARG D 72 11.58 28.22 5.14
C ARG D 72 10.28 28.54 4.40
N ASP D 73 10.44 29.02 3.17
CA ASP D 73 9.33 29.27 2.26
C ASP D 73 9.51 28.29 1.09
N ASP D 74 8.76 27.19 1.14
CA ASP D 74 8.88 26.16 0.11
C ASP D 74 8.47 26.64 -1.28
N PRO D 75 7.32 27.29 -1.49
CA PRO D 75 6.99 27.74 -2.85
C PRO D 75 8.01 28.67 -3.46
N LYS D 76 8.65 29.52 -2.65
CA LYS D 76 9.71 30.39 -3.13
C LYS D 76 11.09 29.73 -3.09
N ASN D 77 11.18 28.52 -2.54
CA ASN D 77 12.45 27.79 -2.42
C ASN D 77 13.49 28.64 -1.69
N THR D 78 13.11 29.15 -0.53
CA THR D 78 13.95 30.07 0.21
C THR D 78 14.07 29.64 1.67
N LEU D 79 15.20 29.97 2.28
CA LEU D 79 15.45 29.70 3.69
C LEU D 79 15.85 31.01 4.36
N PHE D 80 15.31 31.26 5.54
CA PHE D 80 15.53 32.52 6.24
C PHE D 80 16.07 32.26 7.63
N LEU D 81 17.05 33.07 8.03
CA LEU D 81 17.54 33.12 9.40
C LEU D 81 17.42 34.56 9.88
N GLN D 82 16.49 34.80 10.81
CA GLN D 82 16.26 36.10 11.40
C GLN D 82 17.00 36.17 12.73
N MET D 83 17.90 37.13 12.86
CA MET D 83 18.75 37.26 14.04
C MET D 83 18.49 38.60 14.69
N THR D 84 18.30 38.59 16.01
CA THR D 84 18.06 39.79 16.79
C THR D 84 19.03 39.83 17.97
N SER D 85 19.38 41.05 18.38
CA SER D 85 20.33 41.29 19.47
C SER D 85 21.67 40.59 19.16
N LEU D 86 22.30 41.03 18.08
CA LEU D 86 23.52 40.41 17.59
C LEU D 86 24.71 40.84 18.45
N ARG D 87 25.31 39.88 19.14
CA ARG D 87 26.49 40.15 19.94
C ARG D 87 27.73 40.21 19.05
N SER D 88 28.84 40.67 19.63
CA SER D 88 30.09 40.73 18.89
C SER D 88 30.69 39.35 18.65
N GLU D 89 30.17 38.31 19.27
CA GLU D 89 30.64 36.95 19.04
C GLU D 89 29.90 36.25 17.91
N ASP D 90 28.96 36.93 17.25
CA ASP D 90 28.19 36.33 16.17
C ASP D 90 28.73 36.67 14.79
N THR D 91 29.85 37.39 14.70
CA THR D 91 30.49 37.65 13.42
C THR D 91 31.11 36.38 12.89
N ALA D 92 30.70 35.96 11.70
CA ALA D 92 31.16 34.69 11.16
C ALA D 92 30.86 34.67 9.66
N MET D 93 31.03 33.50 9.06
CA MET D 93 30.57 33.20 7.71
C MET D 93 29.54 32.09 7.82
N TYR D 94 28.34 32.35 7.32
CA TYR D 94 27.22 31.43 7.45
C TYR D 94 27.02 30.65 6.16
N TYR D 95 26.76 29.35 6.30
CA TYR D 95 26.45 28.45 5.19
C TYR D 95 25.11 27.80 5.46
N CYS D 96 24.27 27.73 4.43
CA CYS D 96 23.08 26.90 4.46
C CYS D 96 23.41 25.55 3.84
N VAL D 97 23.09 24.49 4.56
CA VAL D 97 23.47 23.13 4.19
C VAL D 97 22.20 22.32 4.03
N ARG D 98 22.05 21.66 2.89
CA ARG D 98 20.94 20.75 2.69
C ARG D 98 21.28 19.39 3.27
N SER D 99 20.25 18.68 3.71
CA SER D 99 20.44 17.33 4.26
C SER D 99 19.10 16.62 4.23
N ILE D 100 19.05 15.48 3.53
CA ILE D 100 17.86 14.66 3.44
C ILE D 100 18.10 13.38 4.23
N TYR D 101 17.09 12.94 4.97
CA TYR D 101 17.24 11.84 5.93
C TYR D 101 16.31 10.71 5.55
N TYR D 102 16.90 9.63 5.03
CA TYR D 102 16.23 8.34 4.91
C TYR D 102 17.30 7.28 4.97
N TYR D 103 16.89 6.02 4.90
CA TYR D 103 17.85 4.93 4.99
C TYR D 103 18.82 4.98 3.82
N GLY D 104 20.11 5.05 4.13
CA GLY D 104 21.14 5.11 3.13
C GLY D 104 21.42 6.48 2.56
N SER D 105 20.73 7.51 3.04
CA SER D 105 20.96 8.86 2.54
C SER D 105 22.28 9.41 3.06
N SER D 106 22.70 10.54 2.48
CA SER D 106 23.94 11.21 2.87
C SER D 106 23.61 12.64 3.27
N PRO D 107 23.37 12.90 4.56
CA PRO D 107 23.13 14.28 5.01
C PRO D 107 24.39 15.12 4.87
N PHE D 108 24.17 16.44 4.82
CA PHE D 108 25.23 17.43 4.68
C PHE D 108 26.02 17.25 3.39
N ASP D 109 25.43 16.61 2.39
CA ASP D 109 26.15 16.30 1.16
C ASP D 109 26.52 17.56 0.39
N PHE D 110 25.61 18.53 0.33
CA PHE D 110 25.84 19.78 -0.39
C PHE D 110 25.81 20.95 0.56
N TRP D 111 26.86 21.77 0.52
CA TRP D 111 26.97 22.99 1.29
C TRP D 111 26.89 24.18 0.36
N GLY D 112 26.15 25.19 0.75
CA GLY D 112 26.09 26.43 -0.01
C GLY D 112 27.39 27.20 0.12
N GLN D 113 27.39 28.38 -0.50
CA GLN D 113 28.52 29.28 -0.37
C GLN D 113 28.45 29.96 1.00
N GLY D 114 29.26 30.98 1.21
CA GLY D 114 29.30 31.67 2.49
C GLY D 114 28.75 33.08 2.39
N THR D 115 28.04 33.50 3.43
CA THR D 115 27.62 34.89 3.59
C THR D 115 28.24 35.43 4.87
N THR D 116 28.93 36.57 4.76
CA THR D 116 29.69 37.11 5.87
C THR D 116 28.82 38.03 6.73
N LEU D 117 29.09 38.03 8.03
CA LEU D 117 28.37 38.86 8.99
C LEU D 117 29.38 39.39 10.00
N THR D 118 29.58 40.70 10.00
CA THR D 118 30.53 41.36 10.89
C THR D 118 29.74 42.24 11.86
N VAL D 119 29.77 41.88 13.14
CA VAL D 119 29.11 42.64 14.19
C VAL D 119 30.17 43.40 14.95
N SER D 120 30.11 44.73 14.88
CA SER D 120 31.11 45.57 15.54
C SER D 120 30.82 45.68 17.03
N SER D 136 25.37 16.44 28.57
CA SER D 136 25.65 17.70 27.92
C SER D 136 26.10 17.48 26.47
N ASP D 137 26.77 18.47 25.90
CA ASP D 137 27.24 18.37 24.53
C ASP D 137 28.35 17.34 24.41
N ILE D 138 28.38 16.66 23.27
CA ILE D 138 29.45 15.72 22.97
C ILE D 138 30.65 16.49 22.44
N VAL D 139 31.81 16.24 23.03
CA VAL D 139 33.04 16.93 22.65
C VAL D 139 33.77 16.11 21.61
N MET D 140 34.13 16.74 20.50
CA MET D 140 34.90 16.12 19.44
C MET D 140 36.31 16.69 19.47
N THR D 141 37.31 15.82 19.59
CA THR D 141 38.68 16.23 19.78
C THR D 141 39.52 15.85 18.57
N GLN D 142 40.19 16.83 17.97
CA GLN D 142 41.18 16.61 16.93
C GLN D 142 42.53 17.02 17.51
N ALA D 143 43.28 16.04 18.00
CA ALA D 143 44.54 16.33 18.68
C ALA D 143 45.52 17.03 17.76
N THR D 144 45.65 16.55 16.53
CA THR D 144 46.53 17.19 15.57
C THR D 144 45.90 18.48 15.05
N SER D 145 46.70 19.55 15.02
CA SER D 145 46.24 20.83 14.51
C SER D 145 46.87 21.24 13.20
N SER D 146 47.97 20.59 12.81
CA SER D 146 48.63 20.87 11.54
C SER D 146 49.57 19.73 11.22
N VAL D 147 49.40 19.12 10.05
CA VAL D 147 50.24 18.00 9.64
C VAL D 147 50.92 18.34 8.31
N PRO D 148 52.24 18.53 8.30
CA PRO D 148 52.94 18.75 7.02
C PRO D 148 53.06 17.44 6.26
N VAL D 149 52.62 17.45 5.00
CA VAL D 149 52.60 16.26 4.17
C VAL D 149 53.14 16.62 2.79
N THR D 150 53.58 15.57 2.08
CA THR D 150 54.09 15.69 0.72
C THR D 150 53.19 14.91 -0.24
N PRO D 151 53.05 15.36 -1.48
CA PRO D 151 52.20 14.64 -2.44
C PRO D 151 52.68 13.22 -2.65
N GLY D 152 51.73 12.31 -2.80
CA GLY D 152 52.04 10.90 -3.01
C GLY D 152 52.23 10.10 -1.75
N GLU D 153 52.13 10.71 -0.58
CA GLU D 153 52.34 10.02 0.70
C GLU D 153 51.01 9.86 1.42
N SER D 154 50.73 8.65 1.88
CA SER D 154 49.51 8.36 2.61
C SER D 154 49.61 8.90 4.03
N VAL D 155 48.58 9.60 4.49
CA VAL D 155 48.53 10.15 5.83
C VAL D 155 47.20 9.78 6.47
N SER D 156 47.11 10.02 7.78
CA SER D 156 45.92 9.71 8.57
C SER D 156 45.63 10.85 9.51
N ILE D 157 44.35 11.22 9.60
CA ILE D 157 43.86 12.24 10.52
C ILE D 157 43.03 11.56 11.60
N SER D 158 43.38 11.79 12.85
CA SER D 158 42.72 11.15 13.98
C SER D 158 41.74 12.10 14.63
N CYS D 159 40.63 11.56 15.12
CA CYS D 159 39.62 12.33 15.84
C CYS D 159 39.07 11.48 16.97
N ARG D 160 38.69 12.15 18.06
CA ARG D 160 38.23 11.48 19.27
C ARG D 160 36.89 12.04 19.70
N SER D 161 36.10 11.19 20.35
CA SER D 161 34.78 11.55 20.84
C SER D 161 34.70 11.30 22.34
N SER D 162 34.10 12.25 23.07
CA SER D 162 33.90 12.06 24.50
C SER D 162 32.93 10.90 24.77
N LYS D 163 31.87 10.80 23.97
CA LYS D 163 30.92 9.72 24.07
C LYS D 163 30.94 8.90 22.78
N SER D 164 30.66 7.61 22.90
CA SER D 164 30.69 6.73 21.74
C SER D 164 29.61 7.14 20.73
N LEU D 165 30.02 7.34 19.48
CA LEU D 165 29.08 7.68 18.43
C LEU D 165 28.36 6.46 17.86
N LEU D 166 28.78 5.25 18.23
CA LEU D 166 28.09 4.05 17.80
C LEU D 166 26.71 3.98 18.45
N HIS D 167 25.70 3.69 17.64
CA HIS D 167 24.33 3.57 18.11
C HIS D 167 23.95 2.09 18.23
N SER D 168 22.80 1.85 18.86
CA SER D 168 22.31 0.49 19.00
C SER D 168 21.90 -0.13 17.67
N ASN D 169 21.66 0.69 16.65
CA ASN D 169 21.26 0.20 15.33
C ASN D 169 22.45 -0.15 14.44
N GLY D 170 23.67 0.01 14.92
CA GLY D 170 24.87 -0.32 14.17
C GLY D 170 25.50 0.82 13.42
N ASN D 171 24.83 1.97 13.32
CA ASN D 171 25.39 3.12 12.64
C ASN D 171 26.27 3.92 13.58
N THR D 172 27.45 4.31 13.09
CA THR D 172 28.38 5.17 13.82
C THR D 172 28.31 6.54 13.17
N TYR D 173 27.54 7.45 13.77
CA TYR D 173 27.21 8.73 13.16
C TYR D 173 28.41 9.67 13.29
N LEU D 174 29.37 9.47 12.39
CA LEU D 174 30.54 10.35 12.29
C LEU D 174 30.69 10.77 10.84
N TYR D 175 30.91 12.07 10.61
CA TYR D 175 31.02 12.64 9.29
C TYR D 175 32.35 13.36 9.16
N TRP D 176 32.93 13.31 7.96
CA TRP D 176 34.18 13.99 7.67
C TRP D 176 33.96 15.01 6.57
N PHE D 177 34.53 16.21 6.76
CA PHE D 177 34.37 17.30 5.82
C PHE D 177 35.73 17.89 5.49
N LEU D 178 35.87 18.37 4.26
CA LEU D 178 37.09 19.00 3.79
C LEU D 178 36.78 20.41 3.33
N GLN D 179 37.49 21.39 3.88
CA GLN D 179 37.39 22.77 3.45
C GLN D 179 38.72 23.18 2.84
N ARG D 180 38.72 23.36 1.53
CA ARG D 180 39.89 23.84 0.81
C ARG D 180 40.03 25.35 1.01
N PRO D 181 41.25 25.88 0.87
CA PRO D 181 41.45 27.32 1.06
C PRO D 181 40.57 28.14 0.13
N GLY D 182 39.67 28.92 0.74
CA GLY D 182 38.80 29.79 -0.02
C GLY D 182 37.55 29.13 -0.58
N GLN D 183 37.22 27.93 -0.13
CA GLN D 183 36.05 27.20 -0.64
C GLN D 183 35.20 26.70 0.51
N SER D 184 33.93 26.47 0.21
CA SER D 184 32.99 25.98 1.20
C SER D 184 33.29 24.51 1.54
N PRO D 185 32.91 24.07 2.73
CA PRO D 185 33.15 22.67 3.11
C PRO D 185 32.38 21.71 2.20
N GLN D 186 32.94 20.52 2.03
CA GLN D 186 32.28 19.46 1.26
C GLN D 186 32.38 18.16 2.02
N LEU D 187 31.34 17.33 1.88
CA LEU D 187 31.32 16.06 2.57
C LEU D 187 32.27 15.08 1.91
N LEU D 188 33.07 14.40 2.73
CA LEU D 188 33.95 13.34 2.26
C LEU D 188 33.45 11.96 2.63
N ILE D 189 33.18 11.72 3.91
CA ILE D 189 32.75 10.42 4.40
C ILE D 189 31.61 10.64 5.38
N TYR D 190 30.55 9.84 5.24
CA TYR D 190 29.39 9.95 6.11
C TYR D 190 29.17 8.62 6.83
N ARG D 191 28.85 8.72 8.12
CA ARG D 191 28.65 7.56 9.00
C ARG D 191 29.91 6.71 9.11
N MET D 192 31.07 7.36 9.01
CA MET D 192 32.38 6.84 9.39
C MET D 192 32.93 5.79 8.43
N SER D 193 32.12 5.29 7.53
CA SER D 193 32.64 4.30 6.59
C SER D 193 32.29 4.61 5.14
N ASN D 194 31.09 5.13 4.89
CA ASN D 194 30.62 5.30 3.53
C ASN D 194 31.31 6.47 2.86
N LEU D 195 31.60 6.33 1.57
CA LEU D 195 32.28 7.34 0.80
C LEU D 195 31.27 8.16 0.03
N ALA D 196 31.38 9.49 0.13
CA ALA D 196 30.46 10.38 -0.55
C ALA D 196 30.64 10.29 -2.06
N SER D 197 29.54 10.53 -2.78
CA SER D 197 29.58 10.47 -4.24
C SER D 197 30.41 11.63 -4.79
N GLY D 198 31.25 11.32 -5.78
CA GLY D 198 32.14 12.29 -6.38
C GLY D 198 33.48 12.43 -5.68
N VAL D 199 33.65 11.77 -4.54
CA VAL D 199 34.90 11.82 -3.79
C VAL D 199 35.78 10.66 -4.25
N PRO D 200 37.04 10.91 -4.61
CA PRO D 200 37.90 9.81 -5.08
C PRO D 200 38.11 8.76 -3.99
N ASP D 201 38.33 7.53 -4.43
CA ASP D 201 38.51 6.39 -3.52
C ASP D 201 39.79 6.49 -2.70
N ARG D 202 40.58 7.55 -2.87
CA ARG D 202 41.77 7.72 -2.06
C ARG D 202 41.45 7.99 -0.59
N PHE D 203 40.19 8.32 -0.28
CA PHE D 203 39.76 8.58 1.09
C PHE D 203 39.11 7.34 1.67
N SER D 204 39.50 6.96 2.88
CA SER D 204 38.88 5.86 3.60
C SER D 204 38.70 6.26 5.05
N GLY D 205 37.64 5.74 5.66
CA GLY D 205 37.36 6.07 7.05
C GLY D 205 37.17 4.84 7.91
N SER D 206 37.85 4.79 9.05
CA SER D 206 37.75 3.65 9.94
C SER D 206 37.75 4.13 11.38
N GLY D 207 37.61 3.19 12.30
CA GLY D 207 37.63 3.50 13.72
C GLY D 207 36.47 2.87 14.45
N SER D 208 36.53 2.96 15.77
CA SER D 208 35.52 2.43 16.67
C SER D 208 35.00 3.56 17.55
N GLY D 209 34.06 3.21 18.43
CA GLY D 209 33.47 4.20 19.31
C GLY D 209 34.50 5.00 20.08
N THR D 210 34.38 6.32 20.01
CA THR D 210 35.21 7.34 20.66
C THR D 210 36.58 7.53 19.99
N ALA D 211 36.90 6.79 18.93
CA ALA D 211 38.20 6.96 18.29
C ALA D 211 38.09 6.60 16.82
N PHE D 212 38.28 7.59 15.94
CA PHE D 212 38.12 7.40 14.51
C PHE D 212 39.32 7.97 13.77
N THR D 213 39.52 7.49 12.55
CA THR D 213 40.63 7.93 11.72
C THR D 213 40.18 7.99 10.26
N LEU D 214 40.76 8.95 9.54
CA LEU D 214 40.53 9.16 8.12
C LEU D 214 41.87 9.01 7.42
N THR D 215 42.01 7.97 6.61
CA THR D 215 43.26 7.67 5.92
C THR D 215 43.13 8.03 4.44
N ILE D 216 44.07 8.83 3.96
CA ILE D 216 44.13 9.18 2.54
C ILE D 216 45.46 8.65 1.98
N SER D 217 45.37 7.87 0.91
CA SER D 217 46.52 7.28 0.26
C SER D 217 46.79 7.97 -1.07
N ARG D 218 48.07 8.12 -1.40
CA ARG D 218 48.50 8.82 -2.61
C ARG D 218 47.95 10.24 -2.65
N LEU D 219 48.34 11.02 -1.64
CA LEU D 219 47.89 12.40 -1.54
C LEU D 219 48.32 13.20 -2.77
N GLU D 220 47.39 13.98 -3.29
CA GLU D 220 47.62 14.79 -4.48
C GLU D 220 47.33 16.27 -4.16
N ALA D 221 47.38 17.09 -5.21
CA ALA D 221 47.05 18.49 -5.04
C ALA D 221 45.55 18.67 -4.77
N GLU D 222 45.19 19.87 -4.34
CA GLU D 222 43.83 20.25 -3.99
C GLU D 222 43.27 19.45 -2.82
N ASP D 223 44.08 18.62 -2.17
CA ASP D 223 43.69 17.93 -0.96
C ASP D 223 44.16 18.63 0.30
N VAL D 224 44.96 19.68 0.17
CA VAL D 224 45.34 20.48 1.33
C VAL D 224 44.14 21.28 1.82
N GLY D 225 44.20 21.68 3.09
CA GLY D 225 43.11 22.41 3.70
C GLY D 225 42.76 21.82 5.04
N VAL D 226 41.58 22.17 5.53
CA VAL D 226 41.16 21.77 6.87
C VAL D 226 40.23 20.59 6.78
N TYR D 227 40.41 19.62 7.68
CA TYR D 227 39.56 18.45 7.79
C TYR D 227 38.82 18.50 9.12
N TYR D 228 37.51 18.31 9.06
CA TYR D 228 36.65 18.39 10.24
C TYR D 228 35.94 17.07 10.47
N CYS D 229 35.88 16.65 11.72
CA CYS D 229 35.05 15.52 12.13
C CYS D 229 33.83 16.05 12.87
N MET D 230 32.64 15.64 12.44
CA MET D 230 31.39 16.07 13.04
C MET D 230 30.64 14.84 13.53
N GLN D 231 29.87 15.02 14.60
CA GLN D 231 29.01 13.96 15.12
C GLN D 231 27.56 14.31 14.83
N HIS D 232 26.78 13.30 14.45
CA HIS D 232 25.35 13.47 14.21
C HIS D 232 24.53 12.55 15.11
N LEU D 233 25.11 12.11 16.22
CA LEU D 233 24.40 11.22 17.13
C LEU D 233 23.21 11.91 17.78
N GLU D 234 23.39 13.16 18.20
CA GLU D 234 22.33 13.90 18.87
C GLU D 234 22.62 15.38 18.77
N TYR D 235 21.55 16.17 18.76
CA TYR D 235 21.69 17.62 18.74
C TYR D 235 22.09 18.12 20.12
N PRO D 236 22.91 19.19 20.21
CA PRO D 236 23.49 19.98 19.12
C PRO D 236 24.58 19.22 18.36
N LEU D 237 24.77 19.55 17.08
CA LEU D 237 25.82 18.95 16.30
C LEU D 237 27.13 19.69 16.54
N THR D 238 28.18 18.95 16.87
CA THR D 238 29.46 19.53 17.23
C THR D 238 30.55 19.05 16.27
N PHE D 239 31.41 19.98 15.88
CA PHE D 239 32.52 19.69 14.98
C PHE D 239 33.79 19.46 15.80
N GLY D 240 34.87 19.12 15.08
CA GLY D 240 36.18 19.07 15.68
C GLY D 240 36.93 20.38 15.53
N ALA D 241 38.14 20.42 16.09
CA ALA D 241 38.96 21.63 15.96
C ALA D 241 39.35 21.88 14.52
N GLY D 242 39.69 20.82 13.78
CA GLY D 242 40.10 20.95 12.40
C GLY D 242 41.58 20.70 12.19
N THR D 243 41.91 19.65 11.44
CA THR D 243 43.30 19.30 11.16
C THR D 243 43.69 19.90 9.82
N LYS D 244 44.73 20.74 9.83
CA LYS D 244 45.14 21.48 8.65
C LYS D 244 46.29 20.76 7.97
N LEU D 245 46.02 20.20 6.79
CA LEU D 245 47.05 19.57 5.97
C LEU D 245 47.61 20.60 5.01
N GLU D 246 48.92 20.82 5.06
CA GLU D 246 49.60 21.78 4.21
C GLU D 246 50.83 21.14 3.58
N LEU D 247 51.21 21.65 2.41
CA LEU D 247 52.37 21.15 1.69
C LEU D 247 53.66 21.42 2.45
N LEU E 206 -23.95 -7.47 36.22
CA LEU E 206 -23.07 -6.47 36.81
C LEU E 206 -21.75 -6.40 36.06
N GLY E 207 -20.74 -7.13 36.55
CA GLY E 207 -19.46 -7.16 35.89
C GLY E 207 -19.49 -7.80 34.52
N GLY E 208 -20.37 -8.79 34.33
CA GLY E 208 -20.47 -9.44 33.03
C GLY E 208 -20.84 -8.47 31.94
N LEU E 209 -21.75 -7.54 32.24
CA LEU E 209 -22.10 -6.51 31.25
C LEU E 209 -20.89 -5.64 30.91
N ILE E 210 -20.11 -5.25 31.91
CA ILE E 210 -18.93 -4.43 31.63
C ILE E 210 -17.95 -5.19 30.75
N LEU E 211 -17.72 -6.46 31.07
CA LEU E 211 -16.81 -7.28 30.26
C LEU E 211 -17.31 -7.41 28.83
N PHE E 212 -18.60 -7.69 28.66
CA PHE E 212 -19.16 -7.84 27.32
C PHE E 212 -19.03 -6.56 26.52
N GLY E 213 -19.34 -5.42 27.13
CA GLY E 213 -19.24 -4.16 26.42
C GLY E 213 -17.82 -3.79 26.04
N VAL E 214 -16.90 -3.94 26.99
CA VAL E 214 -15.51 -3.59 26.71
C VAL E 214 -14.93 -4.52 25.65
N LEU E 215 -15.24 -5.81 25.72
CA LEU E 215 -14.75 -6.75 24.72
C LEU E 215 -15.30 -6.42 23.34
N GLY E 216 -16.60 -6.13 23.27
CA GLY E 216 -17.19 -5.79 21.98
C GLY E 216 -16.59 -4.53 21.39
N ASN E 217 -16.41 -3.49 22.22
CA ASN E 217 -15.87 -2.24 21.69
C ASN E 217 -14.40 -2.39 21.28
N ILE E 218 -13.60 -3.10 22.08
CA ILE E 218 -12.21 -3.32 21.72
C ILE E 218 -12.11 -4.13 20.44
N LEU E 219 -12.95 -5.16 20.30
CA LEU E 219 -12.94 -5.97 19.10
C LEU E 219 -13.34 -5.14 17.87
N VAL E 220 -14.32 -4.26 18.02
CA VAL E 220 -14.71 -3.39 16.91
C VAL E 220 -13.56 -2.48 16.51
N ILE E 221 -12.91 -1.87 17.51
CA ILE E 221 -11.80 -0.97 17.23
C ILE E 221 -10.67 -1.70 16.50
N LEU E 222 -10.33 -2.90 16.99
CA LEU E 222 -9.28 -3.68 16.34
C LEU E 222 -9.67 -4.09 14.93
N SER E 223 -10.91 -4.55 14.74
CA SER E 223 -11.34 -5.04 13.45
C SER E 223 -11.39 -3.93 12.41
N VAL E 224 -11.73 -2.70 12.82
CA VAL E 224 -11.72 -1.59 11.87
C VAL E 224 -10.31 -1.34 11.34
N ALA E 225 -9.32 -1.33 12.23
CA ALA E 225 -7.95 -1.07 11.83
C ALA E 225 -7.30 -2.26 11.14
N CYS E 226 -7.88 -3.47 11.27
CA CYS E 226 -7.29 -4.64 10.66
C CYS E 226 -7.37 -4.64 9.14
N HIS E 227 -8.33 -3.91 8.56
CA HIS E 227 -8.48 -3.86 7.12
C HIS E 227 -8.57 -2.41 6.65
N ARG E 228 -8.02 -2.15 5.47
CA ARG E 228 -7.99 -0.80 4.91
C ARG E 228 -9.30 -0.42 4.24
N HIS E 229 -10.25 -1.35 4.12
CA HIS E 229 -11.58 -0.99 3.62
C HIS E 229 -12.27 0.00 4.55
N LEU E 230 -11.81 0.10 5.79
CA LEU E 230 -12.34 1.08 6.74
C LEU E 230 -11.55 2.39 6.71
N HIS E 231 -11.40 2.94 5.50
CA HIS E 231 -10.76 4.24 5.32
C HIS E 231 -11.77 5.36 5.13
N SER E 232 -13.03 5.03 4.89
CA SER E 232 -14.08 6.02 4.73
C SER E 232 -14.57 6.52 6.08
N VAL E 233 -15.27 7.66 6.04
CA VAL E 233 -15.75 8.29 7.27
C VAL E 233 -16.79 7.42 7.97
N THR E 234 -17.53 6.59 7.20
CA THR E 234 -18.55 5.75 7.78
C THR E 234 -17.98 4.72 8.75
N HIS E 235 -16.68 4.42 8.65
CA HIS E 235 -16.03 3.58 9.64
C HIS E 235 -15.38 4.40 10.76
N TYR E 236 -14.97 5.63 10.46
CA TYR E 236 -14.52 6.53 11.51
C TYR E 236 -15.62 6.76 12.53
N TYR E 237 -16.86 6.87 12.07
CA TYR E 237 -17.98 7.07 12.98
C TYR E 237 -18.21 5.85 13.86
N ILE E 238 -18.09 4.66 13.29
CA ILE E 238 -18.22 3.45 14.11
C ILE E 238 -17.09 3.37 15.12
N VAL E 239 -15.90 3.82 14.73
CA VAL E 239 -14.78 3.87 15.68
C VAL E 239 -15.09 4.86 16.81
N ASN E 240 -15.66 6.01 16.47
CA ASN E 240 -16.01 6.98 17.51
C ASN E 240 -17.03 6.39 18.48
N LEU E 241 -18.06 5.73 17.96
CA LEU E 241 -19.06 5.12 18.82
C LEU E 241 -18.45 4.06 19.72
N ALA E 242 -17.58 3.21 19.14
CA ALA E 242 -16.94 2.16 19.92
C ALA E 242 -16.03 2.75 20.98
N VAL E 243 -15.33 3.84 20.66
CA VAL E 243 -14.45 4.49 21.64
C VAL E 243 -15.27 5.07 22.79
N ALA E 244 -16.39 5.73 22.47
CA ALA E 244 -17.23 6.30 23.52
C ALA E 244 -17.76 5.19 24.44
N ASP E 245 -18.25 4.11 23.85
CA ASP E 245 -18.78 3.01 24.66
C ASP E 245 -17.67 2.31 25.45
N LEU E 246 -16.48 2.20 24.87
CA LEU E 246 -15.35 1.60 25.58
C LEU E 246 -14.96 2.44 26.78
N LEU E 247 -14.85 3.76 26.58
CA LEU E 247 -14.53 4.65 27.69
C LEU E 247 -15.59 4.55 28.79
N LEU E 248 -16.87 4.54 28.38
CA LEU E 248 -17.95 4.41 29.35
C LEU E 248 -17.80 3.12 30.15
N THR E 249 -17.87 1.97 29.47
CA THR E 249 -17.86 0.68 30.14
C THR E 249 -16.54 0.38 30.86
N SER E 250 -15.47 1.12 30.56
CA SER E 250 -14.21 0.89 31.25
C SER E 250 -14.05 1.76 32.50
N THR E 251 -14.47 3.03 32.44
CA THR E 251 -14.27 3.95 33.56
C THR E 251 -15.53 4.13 34.39
N VAL E 252 -16.64 4.52 33.75
CA VAL E 252 -17.84 4.90 34.48
C VAL E 252 -18.53 3.67 35.06
N LEU E 253 -18.70 2.65 34.23
CA LEU E 253 -19.49 1.48 34.63
C LEU E 253 -18.93 0.75 35.85
N PRO E 254 -17.63 0.52 35.98
CA PRO E 254 -17.15 -0.11 37.23
C PRO E 254 -17.48 0.71 38.47
N PHE E 255 -17.36 2.03 38.41
CA PHE E 255 -17.71 2.85 39.57
C PHE E 255 -19.19 2.75 39.90
N SER E 256 -20.04 2.72 38.87
CA SER E 256 -21.48 2.58 39.11
C SER E 256 -21.81 1.23 39.72
N ALA E 257 -21.15 0.16 39.25
CA ALA E 257 -21.38 -1.16 39.83
C ALA E 257 -20.90 -1.23 41.28
N ILE E 258 -19.76 -0.60 41.57
CA ILE E 258 -19.29 -0.55 42.96
C ILE E 258 -20.23 0.27 43.82
N PHE E 259 -20.80 1.35 43.27
CA PHE E 259 -21.80 2.14 43.98
C PHE E 259 -23.04 1.31 44.28
N GLU E 260 -23.49 0.51 43.31
CA GLU E 260 -24.67 -0.33 43.52
C GLU E 260 -24.39 -1.47 44.50
N VAL E 261 -23.16 -1.99 44.51
CA VAL E 261 -22.83 -3.09 45.41
C VAL E 261 -22.69 -2.58 46.83
N LEU E 262 -21.74 -1.67 47.07
CA LEU E 262 -21.53 -1.15 48.41
C LEU E 262 -22.72 -0.35 48.89
N GLY E 263 -23.32 0.46 48.02
CA GLY E 263 -24.39 1.35 48.39
C GLY E 263 -23.95 2.73 48.85
N TYR E 264 -22.67 3.03 48.78
CA TYR E 264 -22.15 4.33 49.21
C TYR E 264 -20.90 4.65 48.42
N TRP E 265 -20.63 5.94 48.26
CA TRP E 265 -19.43 6.38 47.56
C TRP E 265 -18.19 6.06 48.38
N ALA E 266 -17.13 5.62 47.70
CA ALA E 266 -15.88 5.27 48.36
C ALA E 266 -14.72 6.17 47.96
N PHE E 267 -14.73 6.73 46.75
CA PHE E 267 -13.61 7.53 46.28
C PHE E 267 -13.58 8.94 46.85
N GLY E 268 -14.63 9.37 47.54
CA GLY E 268 -14.67 10.69 48.12
C GLY E 268 -15.47 11.68 47.28
N ARG E 269 -15.82 12.80 47.91
CA ARG E 269 -16.63 13.80 47.23
C ARG E 269 -15.90 14.40 46.04
N VAL E 270 -14.60 14.64 46.16
CA VAL E 270 -13.84 15.19 45.05
C VAL E 270 -13.75 14.21 43.91
N PHE E 271 -13.64 12.91 44.22
CA PHE E 271 -13.47 11.88 43.21
C PHE E 271 -14.78 11.21 42.81
N CYS E 272 -15.92 11.64 43.35
CA CYS E 272 -17.21 11.19 42.86
C CYS E 272 -17.96 12.26 42.10
N ASN E 273 -17.69 13.53 42.34
CA ASN E 273 -18.27 14.58 41.52
C ASN E 273 -17.75 14.53 40.10
N ILE E 274 -16.51 14.05 39.91
CA ILE E 274 -16.00 13.84 38.55
C ILE E 274 -16.72 12.68 37.89
N TRP E 275 -17.15 11.68 38.67
CA TRP E 275 -17.89 10.56 38.12
C TRP E 275 -19.29 10.97 37.67
N ALA E 276 -19.81 12.07 38.18
CA ALA E 276 -21.10 12.58 37.75
C ALA E 276 -21.00 13.40 36.46
N ALA E 277 -19.79 13.65 35.96
CA ALA E 277 -19.59 14.37 34.71
C ALA E 277 -19.05 13.50 33.59
N VAL E 278 -18.17 12.55 33.91
CA VAL E 278 -17.66 11.64 32.89
C VAL E 278 -18.78 10.75 32.37
N ASP E 279 -19.70 10.36 33.25
CA ASP E 279 -20.85 9.56 32.83
C ASP E 279 -21.69 10.32 31.81
N VAL E 280 -22.00 11.58 32.11
CA VAL E 280 -22.77 12.41 31.19
C VAL E 280 -22.02 12.58 29.88
N LEU E 281 -20.71 12.84 29.96
CA LEU E 281 -19.92 13.04 28.75
C LEU E 281 -19.94 11.81 27.86
N CYS E 282 -19.73 10.62 28.45
CA CYS E 282 -19.72 9.40 27.67
C CYS E 282 -21.09 9.11 27.05
N CYS E 283 -22.16 9.27 27.84
CA CYS E 283 -23.50 8.99 27.30
C CYS E 283 -23.86 9.95 26.18
N THR E 284 -23.59 11.24 26.36
CA THR E 284 -23.86 12.22 25.31
C THR E 284 -23.01 11.94 24.07
N ALA E 285 -21.76 11.54 24.27
CA ALA E 285 -20.91 11.21 23.13
C ALA E 285 -21.46 10.02 22.36
N SER E 286 -21.94 8.99 23.06
CA SER E 286 -22.52 7.85 22.38
C SER E 286 -23.78 8.24 21.60
N ILE E 287 -24.65 9.04 22.23
CA ILE E 287 -25.90 9.42 21.56
C ILE E 287 -25.62 10.27 20.32
N MET E 288 -24.71 11.24 20.44
CA MET E 288 -24.37 12.05 19.29
C MET E 288 -23.59 11.27 18.23
N GLY E 289 -22.89 10.21 18.63
CA GLY E 289 -22.29 9.32 17.64
C GLY E 289 -23.35 8.59 16.85
N LEU E 290 -24.41 8.12 17.52
CA LEU E 290 -25.54 7.55 16.80
C LEU E 290 -26.16 8.57 15.86
N CYS E 291 -26.28 9.81 16.32
CA CYS E 291 -26.85 10.87 15.49
C CYS E 291 -26.02 11.10 14.23
N ILE E 292 -24.70 11.20 14.37
CA ILE E 292 -23.87 11.45 13.20
C ILE E 292 -23.82 10.24 12.29
N ILE E 293 -23.92 9.03 12.84
CA ILE E 293 -24.03 7.85 12.00
C ILE E 293 -25.30 7.91 11.14
N SER E 294 -26.42 8.29 11.77
CA SER E 294 -27.66 8.41 11.02
C SER E 294 -27.55 9.48 9.93
N ILE E 295 -26.91 10.61 10.26
CA ILE E 295 -26.75 11.67 9.26
C ILE E 295 -25.89 11.19 8.11
N ASP E 296 -24.81 10.46 8.41
CA ASP E 296 -23.94 9.93 7.36
C ASP E 296 -24.70 8.96 6.46
N ARG E 297 -25.50 8.07 7.07
CA ARG E 297 -26.28 7.13 6.27
C ARG E 297 -27.29 7.86 5.40
N TYR E 298 -27.94 8.90 5.94
CA TYR E 298 -28.88 9.67 5.12
C TYR E 298 -28.19 10.32 3.94
N ILE E 299 -27.02 10.92 4.16
CA ILE E 299 -26.32 11.56 3.07
C ILE E 299 -25.87 10.54 2.04
N GLY E 300 -25.43 9.36 2.49
CA GLY E 300 -24.98 8.34 1.56
C GLY E 300 -26.10 7.70 0.78
N VAL E 301 -27.32 7.71 1.33
CA VAL E 301 -28.46 7.11 0.64
C VAL E 301 -29.13 8.11 -0.30
N SER E 302 -29.32 9.35 0.14
CA SER E 302 -30.01 10.33 -0.70
C SER E 302 -29.14 10.83 -1.84
N TYR E 303 -27.82 10.93 -1.63
CA TYR E 303 -26.88 11.38 -2.66
C TYR E 303 -25.82 10.32 -2.82
N PRO E 304 -26.06 9.32 -3.68
CA PRO E 304 -25.14 8.18 -3.77
C PRO E 304 -23.77 8.55 -4.32
N LEU E 305 -23.72 9.22 -5.46
CA LEU E 305 -22.46 9.51 -6.12
C LEU E 305 -21.87 10.87 -5.75
N ARG E 306 -22.59 11.68 -4.98
CA ARG E 306 -22.03 12.90 -4.41
C ARG E 306 -21.66 12.74 -2.94
N TYR E 307 -21.80 11.53 -2.39
CA TYR E 307 -21.37 11.28 -1.02
C TYR E 307 -19.88 11.54 -0.81
N PRO E 308 -18.96 11.08 -1.67
CA PRO E 308 -17.54 11.36 -1.42
C PRO E 308 -17.19 12.83 -1.38
N THR E 309 -17.86 13.67 -2.17
CA THR E 309 -17.56 15.10 -2.21
C THR E 309 -18.37 15.90 -1.18
N ILE E 310 -19.25 15.25 -0.43
CA ILE E 310 -20.00 15.91 0.64
C ILE E 310 -19.43 15.50 1.98
N VAL E 311 -19.46 14.20 2.27
CA VAL E 311 -18.88 13.65 3.48
C VAL E 311 -17.41 13.37 3.18
N THR E 312 -16.56 14.33 3.52
CA THR E 312 -15.13 14.26 3.22
C THR E 312 -14.34 14.35 4.52
N GLN E 313 -13.19 13.68 4.54
CA GLN E 313 -12.23 13.93 5.61
C GLN E 313 -11.80 15.39 5.56
N ARG E 314 -11.51 15.95 6.74
CA ARG E 314 -11.44 17.37 7.06
C ARG E 314 -12.84 17.95 7.26
N ARG E 315 -13.90 17.17 7.06
CA ARG E 315 -15.24 17.54 7.47
C ARG E 315 -15.89 16.50 8.37
N GLY E 316 -15.71 15.22 8.04
CA GLY E 316 -16.12 14.17 8.98
C GLY E 316 -15.38 14.27 10.29
N LEU E 317 -14.09 14.61 10.24
CA LEU E 317 -13.34 14.86 11.46
C LEU E 317 -13.87 16.06 12.21
N MET E 318 -14.31 17.10 11.50
CA MET E 318 -14.93 18.24 12.15
C MET E 318 -16.19 17.81 12.91
N ALA E 319 -17.03 16.99 12.27
CA ALA E 319 -18.21 16.48 12.98
C ALA E 319 -17.82 15.62 14.17
N LEU E 320 -16.79 14.78 13.99
CA LEU E 320 -16.33 13.90 15.07
C LEU E 320 -15.87 14.71 16.28
N LEU E 321 -15.14 15.80 16.04
CA LEU E 321 -14.68 16.65 17.13
C LEU E 321 -15.82 17.47 17.72
N CYS E 322 -16.76 17.92 16.89
CA CYS E 322 -17.89 18.70 17.40
C CYS E 322 -18.77 17.87 18.32
N VAL E 323 -18.90 16.57 18.05
CA VAL E 323 -19.68 15.70 18.92
C VAL E 323 -19.12 15.74 20.34
N TRP E 324 -17.81 15.52 20.47
CA TRP E 324 -17.21 15.51 21.80
C TRP E 324 -17.14 16.92 22.39
N ALA E 325 -17.03 17.95 21.56
CA ALA E 325 -17.08 19.31 22.06
C ALA E 325 -18.42 19.61 22.73
N LEU E 326 -19.51 19.25 22.05
CA LEU E 326 -20.83 19.45 22.65
C LEU E 326 -21.04 18.57 23.87
N SER E 327 -20.49 17.34 23.84
CA SER E 327 -20.60 16.46 25.01
C SER E 327 -19.93 17.10 26.22
N LEU E 328 -18.72 17.62 26.04
CA LEU E 328 -18.02 18.23 27.18
C LEU E 328 -18.68 19.53 27.60
N VAL E 329 -19.22 20.30 26.65
CA VAL E 329 -19.94 21.52 27.02
C VAL E 329 -21.14 21.19 27.90
N ILE E 330 -21.86 20.13 27.55
CA ILE E 330 -22.98 19.70 28.39
C ILE E 330 -22.48 19.20 29.74
N SER E 331 -21.37 18.46 29.75
CA SER E 331 -20.94 17.77 30.96
C SER E 331 -20.16 18.65 31.94
N ILE E 332 -19.69 19.84 31.54
CA ILE E 332 -18.92 20.67 32.45
C ILE E 332 -19.84 21.65 33.17
N GLY E 333 -21.15 21.37 33.16
CA GLY E 333 -22.10 22.18 33.88
C GLY E 333 -21.91 22.11 35.39
N PRO E 334 -22.13 20.92 35.97
CA PRO E 334 -22.01 20.80 37.43
C PRO E 334 -20.63 21.11 37.96
N LEU E 335 -19.57 20.81 37.20
CA LEU E 335 -18.21 20.98 37.72
C LEU E 335 -17.87 22.45 37.94
N PHE E 336 -18.51 23.37 37.22
CA PHE E 336 -18.23 24.78 37.36
C PHE E 336 -19.14 25.48 38.38
N GLY E 337 -20.10 24.77 38.96
CA GLY E 337 -20.91 25.37 40.00
C GLY E 337 -22.40 25.11 39.91
N TRP E 338 -22.93 24.97 38.70
CA TRP E 338 -24.37 24.80 38.51
C TRP E 338 -24.76 23.39 38.90
N ARG E 339 -24.92 23.18 40.21
CA ARG E 339 -25.33 21.90 40.75
C ARG E 339 -26.01 22.13 42.08
N GLN E 340 -26.69 21.09 42.55
CA GLN E 340 -27.37 21.17 43.84
C GLN E 340 -26.34 21.28 44.97
N PRO E 341 -26.71 21.92 46.08
CA PRO E 341 -25.78 22.02 47.21
C PRO E 341 -25.37 20.64 47.72
N ALA E 342 -24.06 20.40 47.71
CA ALA E 342 -23.55 19.08 48.05
C ALA E 342 -23.82 18.76 49.52
N PRO E 343 -24.18 17.52 49.83
CA PRO E 343 -24.39 17.14 51.24
C PRO E 343 -23.08 17.18 52.01
N GLU E 344 -23.20 17.40 53.32
CA GLU E 344 -22.02 17.46 54.17
C GLU E 344 -21.31 16.10 54.23
N ASP E 345 -22.06 15.02 54.31
CA ASP E 345 -21.46 13.69 54.40
C ASP E 345 -20.89 13.29 53.05
N GLU E 346 -19.57 13.04 53.01
CA GLU E 346 -18.92 12.63 51.79
C GLU E 346 -19.15 11.17 51.43
N THR E 347 -19.65 10.37 52.38
CA THR E 347 -19.89 8.96 52.11
C THR E 347 -21.07 8.74 51.17
N ILE E 348 -21.87 9.77 50.90
CA ILE E 348 -22.98 9.68 49.98
C ILE E 348 -22.65 10.52 48.74
N CYS E 349 -23.09 10.03 47.58
CA CYS E 349 -22.88 10.71 46.32
C CYS E 349 -24.20 10.68 45.56
N GLN E 350 -24.69 11.87 45.20
CA GLN E 350 -26.02 12.00 44.63
C GLN E 350 -25.95 12.68 43.27
N ILE E 351 -26.93 12.37 42.42
CA ILE E 351 -27.00 12.97 41.10
C ILE E 351 -27.34 14.46 41.23
N ASN E 352 -27.06 15.20 40.16
CA ASN E 352 -27.36 16.63 40.11
C ASN E 352 -28.79 16.79 39.62
N GLU E 353 -29.71 17.07 40.55
CA GLU E 353 -31.12 17.24 40.23
C GLU E 353 -31.53 18.71 40.14
N GLU E 354 -30.59 19.59 39.82
CA GLU E 354 -30.94 21.00 39.62
C GLU E 354 -31.87 21.12 38.42
N PRO E 355 -33.05 21.74 38.58
CA PRO E 355 -34.04 21.71 37.48
C PRO E 355 -33.53 22.29 36.18
N GLY E 356 -32.82 23.43 36.24
CA GLY E 356 -32.33 24.03 35.02
C GLY E 356 -31.32 23.16 34.30
N TYR E 357 -30.35 22.64 35.05
CA TYR E 357 -29.35 21.76 34.45
C TYR E 357 -29.97 20.47 33.96
N VAL E 358 -30.89 19.89 34.73
CA VAL E 358 -31.54 18.65 34.30
C VAL E 358 -32.27 18.88 32.99
N LEU E 359 -33.04 19.96 32.90
CA LEU E 359 -33.75 20.27 31.66
C LEU E 359 -32.78 20.44 30.50
N PHE E 360 -31.76 21.28 30.68
CA PHE E 360 -30.86 21.60 29.57
C PHE E 360 -30.08 20.36 29.11
N SER E 361 -29.53 19.60 30.07
CA SER E 361 -28.76 18.41 29.72
C SER E 361 -29.64 17.36 29.06
N ALA E 362 -30.82 17.07 29.64
CA ALA E 362 -31.69 16.08 29.04
C ALA E 362 -32.09 16.46 27.64
N LEU E 363 -32.49 17.72 27.44
CA LEU E 363 -32.87 18.20 26.12
C LEU E 363 -31.72 18.01 25.15
N GLY E 364 -30.61 18.71 25.39
CA GLY E 364 -29.50 18.73 24.45
C GLY E 364 -28.75 17.41 24.34
N SER E 365 -29.05 16.44 25.19
CA SER E 365 -28.40 15.14 25.12
C SER E 365 -29.25 14.06 24.50
N PHE E 366 -30.58 14.11 24.64
CA PHE E 366 -31.42 13.08 24.05
C PHE E 366 -32.42 13.62 23.05
N TYR E 367 -33.14 14.70 23.39
CA TYR E 367 -34.26 15.11 22.56
C TYR E 367 -33.80 15.75 21.26
N LEU E 368 -32.76 16.58 21.32
CA LEU E 368 -32.19 17.12 20.09
C LEU E 368 -31.60 16.03 19.20
N PRO E 369 -30.81 15.08 19.69
CA PRO E 369 -30.39 13.97 18.81
C PRO E 369 -31.55 13.09 18.34
N LEU E 370 -32.58 12.91 19.16
CA LEU E 370 -33.66 12.00 18.79
C LEU E 370 -34.41 12.51 17.56
N ALA E 371 -34.69 13.81 17.51
CA ALA E 371 -35.40 14.36 16.34
C ALA E 371 -34.59 14.17 15.07
N ILE E 372 -33.28 14.44 15.13
CA ILE E 372 -32.43 14.28 13.96
C ILE E 372 -32.40 12.82 13.53
N ILE E 373 -32.25 11.90 14.49
CA ILE E 373 -32.21 10.48 14.15
C ILE E 373 -33.50 10.05 13.49
N LEU E 374 -34.64 10.47 14.06
CA LEU E 374 -35.93 10.06 13.51
C LEU E 374 -36.13 10.61 12.10
N VAL E 375 -35.80 11.88 11.88
CA VAL E 375 -36.01 12.47 10.56
C VAL E 375 -35.11 11.80 9.54
N MET E 376 -33.83 11.65 9.86
CA MET E 376 -32.89 11.06 8.91
C MET E 376 -33.27 9.62 8.58
N TYR E 377 -33.65 8.84 9.58
CA TYR E 377 -33.99 7.46 9.30
C TYR E 377 -35.35 7.30 8.63
N CYS E 378 -36.29 8.23 8.86
CA CYS E 378 -37.52 8.21 8.09
C CYS E 378 -37.25 8.48 6.61
N ARG E 379 -36.38 9.44 6.32
CA ARG E 379 -36.02 9.70 4.92
C ARG E 379 -35.28 8.51 4.32
N VAL E 380 -34.40 7.88 5.10
CA VAL E 380 -33.69 6.70 4.63
C VAL E 380 -34.67 5.57 4.32
N TYR E 381 -35.66 5.37 5.20
CA TYR E 381 -36.67 4.34 4.96
C TYR E 381 -37.48 4.65 3.71
N VAL E 382 -37.83 5.91 3.50
CA VAL E 382 -38.58 6.28 2.30
C VAL E 382 -37.78 5.95 1.05
N VAL E 383 -36.49 6.31 1.04
CA VAL E 383 -35.67 6.02 -0.13
C VAL E 383 -35.49 4.52 -0.32
N ALA E 384 -35.29 3.79 0.78
CA ALA E 384 -35.06 2.34 0.67
C ALA E 384 -36.29 1.61 0.15
N LYS E 385 -37.48 1.98 0.63
CA LYS E 385 -38.69 1.34 0.11
C LYS E 385 -38.97 1.78 -1.32
N ARG E 386 -38.68 3.04 -1.66
CA ARG E 386 -38.88 3.50 -3.03
C ARG E 386 -37.93 2.80 -3.99
N GLU E 387 -36.65 2.73 -3.64
CA GLU E 387 -35.65 2.08 -4.48
C GLU E 387 -35.66 0.56 -4.33
N SER E 388 -36.45 0.02 -3.40
CA SER E 388 -36.53 -1.42 -3.16
C SER E 388 -35.15 -2.03 -2.91
N LYS E 413 -39.19 -4.99 2.66
CA LYS E 413 -39.41 -5.29 4.06
C LYS E 413 -38.09 -5.51 4.79
N LYS E 414 -37.03 -5.75 4.02
CA LYS E 414 -35.72 -5.96 4.62
C LYS E 414 -35.22 -4.70 5.31
N ALA E 415 -35.40 -3.54 4.68
CA ALA E 415 -34.99 -2.29 5.30
C ALA E 415 -35.86 -1.95 6.50
N ALA E 416 -37.14 -2.32 6.46
CA ALA E 416 -38.05 -2.01 7.56
C ALA E 416 -37.57 -2.65 8.85
N LYS E 417 -37.22 -3.94 8.80
CA LYS E 417 -36.78 -4.64 10.01
C LYS E 417 -35.47 -4.05 10.54
N THR E 418 -34.52 -3.75 9.64
CA THR E 418 -33.23 -3.23 10.07
C THR E 418 -33.39 -1.86 10.72
N LEU E 419 -34.10 -0.94 10.06
CA LEU E 419 -34.29 0.38 10.64
C LEU E 419 -35.12 0.32 11.91
N GLY E 420 -36.11 -0.57 11.96
CA GLY E 420 -36.88 -0.75 13.18
C GLY E 420 -36.01 -1.19 14.33
N ILE E 421 -35.12 -2.15 14.09
CA ILE E 421 -34.22 -2.62 15.15
C ILE E 421 -33.30 -1.48 15.60
N VAL E 422 -32.73 -0.76 14.64
CA VAL E 422 -31.76 0.27 14.97
C VAL E 422 -32.41 1.37 15.80
N VAL E 423 -33.58 1.85 15.38
CA VAL E 423 -34.26 2.90 16.12
C VAL E 423 -34.80 2.36 17.45
N GLY E 424 -35.31 1.13 17.45
CA GLY E 424 -35.93 0.60 18.64
C GLY E 424 -34.95 0.35 19.77
N CYS E 425 -33.75 -0.12 19.45
CA CYS E 425 -32.75 -0.29 20.49
C CYS E 425 -32.45 1.04 21.18
N PHE E 426 -32.18 2.08 20.38
CA PHE E 426 -31.88 3.39 20.93
C PHE E 426 -33.03 3.92 21.77
N VAL E 427 -34.26 3.85 21.24
CA VAL E 427 -35.40 4.39 21.96
C VAL E 427 -35.67 3.60 23.23
N LEU E 428 -35.81 2.28 23.12
CA LEU E 428 -36.09 1.45 24.28
C LEU E 428 -35.01 1.57 25.34
N CYS E 429 -33.79 1.93 24.95
CA CYS E 429 -32.74 2.08 25.95
C CYS E 429 -32.71 3.45 26.60
N TRP E 430 -32.92 4.52 25.84
CA TRP E 430 -32.72 5.86 26.40
C TRP E 430 -34.00 6.60 26.76
N LEU E 431 -35.10 6.37 26.04
CA LEU E 431 -36.33 7.10 26.31
C LEU E 431 -36.86 6.93 27.72
N PRO E 432 -36.89 5.73 28.32
CA PRO E 432 -37.40 5.64 29.70
C PRO E 432 -36.66 6.55 30.69
N PHE E 433 -35.33 6.56 30.63
CA PHE E 433 -34.57 7.39 31.55
C PHE E 433 -34.82 8.87 31.32
N PHE E 434 -34.77 9.31 30.07
CA PHE E 434 -34.95 10.71 29.75
C PHE E 434 -36.39 11.16 29.81
N LEU E 435 -37.33 10.24 30.04
CA LEU E 435 -38.70 10.62 30.35
C LEU E 435 -38.94 10.69 31.85
N VAL E 436 -38.43 9.71 32.61
CA VAL E 436 -38.64 9.73 34.05
C VAL E 436 -37.74 10.74 34.76
N MET E 437 -36.69 11.24 34.09
CA MET E 437 -35.84 12.23 34.76
C MET E 437 -36.53 13.58 34.86
N PRO E 438 -36.99 14.20 33.77
CA PRO E 438 -37.73 15.47 33.93
C PRO E 438 -39.01 15.32 34.72
N ILE E 439 -39.66 14.15 34.66
CA ILE E 439 -40.88 13.94 35.44
C ILE E 439 -40.58 14.02 36.93
N GLY E 440 -39.51 13.38 37.37
CA GLY E 440 -39.14 13.47 38.77
C GLY E 440 -38.54 14.80 39.15
N SER E 441 -37.93 15.50 38.19
CA SER E 441 -37.31 16.78 38.48
C SER E 441 -38.33 17.90 38.61
N PHE E 442 -39.38 17.88 37.80
CA PHE E 442 -40.37 18.96 37.77
C PHE E 442 -41.71 18.58 38.38
N PHE E 443 -42.01 17.30 38.53
CA PHE E 443 -43.28 16.84 39.11
C PHE E 443 -42.98 15.87 40.23
N PRO E 444 -42.62 16.37 41.41
CA PRO E 444 -42.33 15.47 42.54
C PRO E 444 -43.52 14.62 42.95
N ASP E 445 -44.75 15.06 42.65
CA ASP E 445 -45.92 14.23 42.92
C ASP E 445 -45.88 12.94 42.13
N PHE E 446 -45.43 13.01 40.86
CA PHE E 446 -45.30 11.85 40.00
C PHE E 446 -43.89 11.29 40.01
N LYS E 447 -43.16 11.46 41.11
CA LYS E 447 -41.80 10.94 41.19
C LYS E 447 -41.82 9.43 41.27
N PRO E 448 -41.11 8.72 40.40
CA PRO E 448 -41.14 7.25 40.44
C PRO E 448 -40.34 6.67 41.60
N SER E 449 -40.37 5.35 41.74
CA SER E 449 -39.64 4.67 42.80
C SER E 449 -38.14 4.67 42.49
N GLU E 450 -37.36 4.26 43.48
CA GLU E 450 -35.92 4.17 43.30
C GLU E 450 -35.51 2.96 42.47
N THR E 451 -36.29 1.87 42.54
CA THR E 451 -35.95 0.67 41.77
C THR E 451 -36.09 0.91 40.27
N VAL E 452 -37.23 1.48 39.86
CA VAL E 452 -37.40 1.82 38.45
C VAL E 452 -36.39 2.88 38.04
N PHE E 453 -36.02 3.76 38.97
CA PHE E 453 -34.98 4.74 38.69
C PHE E 453 -33.66 4.05 38.37
N LYS E 454 -33.30 3.03 39.15
CA LYS E 454 -32.08 2.28 38.86
C LYS E 454 -32.18 1.54 37.54
N ILE E 455 -33.36 0.98 37.24
CA ILE E 455 -33.54 0.23 35.99
C ILE E 455 -33.34 1.14 34.79
N VAL E 456 -34.00 2.31 34.80
CA VAL E 456 -33.83 3.25 33.70
C VAL E 456 -32.44 3.85 33.69
N PHE E 457 -31.76 3.88 34.84
CA PHE E 457 -30.37 4.31 34.87
C PHE E 457 -29.47 3.32 34.14
N TRP E 458 -29.68 2.03 34.37
CA TRP E 458 -28.86 0.99 33.76
C TRP E 458 -29.26 0.68 32.33
N LEU E 459 -30.41 1.16 31.86
CA LEU E 459 -30.76 0.95 30.46
C LEU E 459 -29.78 1.65 29.52
N GLY E 460 -29.23 2.79 29.92
CA GLY E 460 -28.21 3.43 29.11
C GLY E 460 -26.93 2.61 29.00
N TYR E 461 -26.54 1.99 30.12
CA TYR E 461 -25.40 1.06 30.08
C TYR E 461 -25.70 -0.11 29.17
N LEU E 462 -26.94 -0.60 29.20
CA LEU E 462 -27.34 -1.67 28.28
C LEU E 462 -27.19 -1.22 26.83
N ASN E 463 -27.59 0.02 26.53
CA ASN E 463 -27.41 0.56 25.19
C ASN E 463 -25.92 0.59 24.81
N SER E 464 -25.07 1.04 25.73
CA SER E 464 -23.65 1.09 25.46
C SER E 464 -23.08 -0.29 25.17
N CYS E 465 -23.55 -1.30 25.91
CA CYS E 465 -23.07 -2.66 25.68
C CYS E 465 -23.64 -3.26 24.40
N ILE E 466 -24.82 -2.82 23.98
CA ILE E 466 -25.48 -3.43 22.83
C ILE E 466 -25.05 -2.81 21.50
N ASN E 467 -24.66 -1.53 21.50
CA ASN E 467 -24.32 -0.84 20.25
C ASN E 467 -23.31 -1.58 19.38
N PRO E 468 -22.19 -2.10 19.89
CA PRO E 468 -21.27 -2.86 19.01
C PRO E 468 -21.86 -4.15 18.47
N ILE E 469 -22.91 -4.69 19.10
CA ILE E 469 -23.49 -5.93 18.59
C ILE E 469 -24.19 -5.70 17.26
N ILE E 470 -24.91 -4.58 17.14
CA ILE E 470 -25.80 -4.35 16.01
C ILE E 470 -25.22 -3.35 15.01
N TYR E 471 -24.61 -2.25 15.48
CA TYR E 471 -24.21 -1.21 14.55
C TYR E 471 -23.12 -1.65 13.58
N PRO E 472 -22.04 -2.29 14.00
CA PRO E 472 -21.09 -2.84 13.01
C PRO E 472 -21.71 -3.88 12.10
N CYS E 473 -22.65 -4.67 12.60
CA CYS E 473 -23.31 -5.69 11.79
C CYS E 473 -24.64 -5.19 11.24
N1 CGZ F . -27.78 7.47 32.54
C4 CGZ F . -27.16 10.69 32.69
C5 CGZ F . -27.15 9.54 33.65
C6 CGZ F . -26.85 8.21 33.00
C7 CGZ F . -27.13 6.26 32.00
C8 CGZ F . -25.67 6.34 32.47
C10 CGZ F . -26.74 11.11 35.56
C13 CGZ F . -27.35 11.54 30.43
N2 CGZ F . -25.59 7.74 32.89
C9 CGZ F . -26.19 9.92 34.78
O1 CGZ F . -29.06 14.83 34.80
C1 CGZ F . -27.44 13.05 32.27
C3 CGZ F . -27.23 12.00 33.18
C2 CGZ F . -30.27 13.40 33.02
N CGZ F . -27.74 14.35 32.77
C CGZ F . -27.48 12.83 30.89
O CGZ F . -28.08 13.79 30.13
C11 CGZ F . -26.98 12.32 34.64
C12 CGZ F . -27.20 10.48 31.31
O2 CGZ F . -29.67 15.89 32.67
S CGZ F . -29.21 14.75 33.38
#